data_6J8V
#
_entry.id   6J8V
#
_cell.length_a   137.856
_cell.length_b   217.336
_cell.length_c   104.159
_cell.angle_alpha   90.00
_cell.angle_beta   90.00
_cell.angle_gamma   90.00
#
_symmetry.space_group_name_H-M   'C 2 2 2'
#
loop_
_entity.id
_entity.type
_entity.pdbx_description
1 polymer 'MoeN5,DNA-binding protein 7d'
2 non-polymer FARNESYL
3 water water
#
_entity_poly.entity_id   1
_entity_poly.type   'polypeptide(L)'
_entity_poly.pdbx_seq_one_letter_code
;MAHHHHHHVDDDDKMLAAEAANRDHVTRCVAQTGGSPDLVAHTAALRLYLRVPHFLTEWTTDPDRRAAVSRALALDIVSM
KLLDDLMDDDTGLDRVELACVCLRLHLRALHELESLARDPKAVTDILEQDAVHLCGGQIRTKRSRATNLREWRAHASTYG
STFLGRYGALAAACGGEGQPADSVREFAEAFAMTITMADDLTDYDRNGERDGNLAHLMRTGAVAGQDVVDLLEELRGRAL
AAVAAPPGAPGLVPVVHLYTDDVLVRLLPRHLGEAGAGAMATVKFKYKGEEKEVDISKIKKVWRVGKMISFTYDEGGGKT
GRGAVSEKDAPKELLQMLEKQKK
;
_entity_poly.pdbx_strand_id   A,B,C,D
#
# COMPACT_ATOMS: atom_id res chain seq x y z
N VAL A 9 -17.83 -58.99 7.08
CA VAL A 9 -17.51 -57.53 6.86
C VAL A 9 -16.59 -57.05 7.99
N ASP A 10 -15.28 -57.29 7.87
CA ASP A 10 -14.28 -56.98 8.94
C ASP A 10 -13.89 -55.49 8.90
N ASP A 11 -12.78 -55.13 9.55
CA ASP A 11 -12.35 -53.73 9.83
C ASP A 11 -11.64 -53.15 8.61
N ASP A 12 -10.84 -53.93 7.89
CA ASP A 12 -10.13 -53.43 6.68
C ASP A 12 -11.21 -53.17 5.62
N ASP A 13 -12.36 -53.85 5.68
CA ASP A 13 -13.51 -53.65 4.77
C ASP A 13 -14.17 -52.29 5.07
N LYS A 14 -14.29 -51.93 6.35
CA LYS A 14 -14.90 -50.64 6.78
C LYS A 14 -13.98 -49.51 6.33
N MET A 15 -12.67 -49.65 6.52
CA MET A 15 -11.61 -48.67 6.16
C MET A 15 -11.68 -48.42 4.65
N LEU A 16 -11.77 -49.48 3.85
CA LEU A 16 -11.70 -49.38 2.37
C LEU A 16 -12.93 -48.61 1.90
N ALA A 17 -14.09 -48.88 2.49
CA ALA A 17 -15.37 -48.24 2.13
C ALA A 17 -15.32 -46.77 2.55
N ALA A 18 -14.75 -46.49 3.73
CA ALA A 18 -14.59 -45.11 4.27
C ALA A 18 -13.66 -44.30 3.35
N GLU A 19 -12.52 -44.86 2.98
CA GLU A 19 -11.53 -44.17 2.13
C GLU A 19 -12.15 -43.85 0.76
N ALA A 20 -12.89 -44.78 0.15
CA ALA A 20 -13.58 -44.55 -1.14
C ALA A 20 -14.67 -43.47 -1.00
N ALA A 21 -15.43 -43.51 0.08
CA ALA A 21 -16.52 -42.53 0.34
C ALA A 21 -15.94 -41.12 0.55
N ASN A 22 -14.81 -41.01 1.23
CA ASN A 22 -14.14 -39.71 1.49
C ASN A 22 -13.64 -39.16 0.14
N ARG A 23 -13.00 -40.00 -0.66
CA ARG A 23 -12.46 -39.65 -2.01
C ARG A 23 -13.57 -39.09 -2.91
N ASP A 24 -14.70 -39.78 -2.94
CA ASP A 24 -15.86 -39.45 -3.82
C ASP A 24 -16.44 -38.13 -3.36
N HIS A 25 -16.56 -37.93 -2.05
CA HIS A 25 -17.08 -36.67 -1.46
C HIS A 25 -16.13 -35.52 -1.86
N VAL A 26 -14.82 -35.76 -1.80
CA VAL A 26 -13.81 -34.73 -2.13
C VAL A 26 -13.86 -34.44 -3.65
N THR A 27 -13.88 -35.47 -4.51
CA THR A 27 -13.75 -35.29 -5.98
C THR A 27 -15.02 -34.60 -6.51
N ARG A 28 -16.20 -34.98 -6.04
CA ARG A 28 -17.51 -34.36 -6.40
C ARG A 28 -17.44 -32.87 -6.05
N CYS A 29 -16.93 -32.56 -4.88
CA CYS A 29 -16.86 -31.18 -4.42
C CYS A 29 -15.84 -30.38 -5.27
N VAL A 30 -14.70 -30.97 -5.64
CA VAL A 30 -13.66 -30.24 -6.41
C VAL A 30 -14.19 -29.96 -7.83
N ALA A 31 -14.75 -30.99 -8.43
CA ALA A 31 -15.32 -30.93 -9.80
C ALA A 31 -16.39 -29.85 -9.84
N GLN A 32 -17.28 -29.80 -8.84
CA GLN A 32 -18.49 -28.95 -8.93
C GLN A 32 -18.09 -27.49 -8.69
N THR A 33 -16.93 -27.21 -8.09
CA THR A 33 -16.52 -25.81 -7.88
C THR A 33 -15.60 -25.36 -9.02
N GLY A 34 -15.37 -26.20 -10.02
CA GLY A 34 -14.66 -25.83 -11.25
C GLY A 34 -13.24 -26.36 -11.32
N GLY A 35 -12.90 -27.31 -10.45
CA GLY A 35 -11.61 -28.02 -10.50
C GLY A 35 -11.44 -28.78 -11.79
N SER A 36 -10.29 -28.61 -12.43
CA SER A 36 -9.91 -29.28 -13.70
C SER A 36 -9.64 -30.76 -13.44
N PRO A 37 -9.66 -31.65 -14.46
CA PRO A 37 -9.33 -33.07 -14.24
C PRO A 37 -7.96 -33.31 -13.57
N ASP A 38 -6.94 -32.50 -13.86
CA ASP A 38 -5.62 -32.62 -13.19
C ASP A 38 -5.79 -32.34 -11.69
N LEU A 39 -6.57 -31.33 -11.30
CA LEU A 39 -6.76 -31.02 -9.86
C LEU A 39 -7.64 -32.11 -9.23
N VAL A 40 -8.70 -32.56 -9.90
CA VAL A 40 -9.55 -33.65 -9.36
C VAL A 40 -8.64 -34.86 -9.13
N ALA A 41 -7.83 -35.23 -10.14
CA ALA A 41 -6.93 -36.40 -10.05
C ALA A 41 -6.01 -36.24 -8.84
N HIS A 42 -5.44 -35.04 -8.66
CA HIS A 42 -4.43 -34.76 -7.60
C HIS A 42 -5.00 -35.09 -6.21
N THR A 43 -6.23 -34.67 -6.02
CA THR A 43 -7.07 -34.74 -4.79
C THR A 43 -7.38 -36.22 -4.49
N ALA A 44 -7.69 -37.01 -5.52
CA ALA A 44 -8.05 -38.44 -5.43
C ALA A 44 -6.81 -39.29 -5.10
N ALA A 45 -5.61 -38.75 -5.37
CA ALA A 45 -4.30 -39.43 -5.13
C ALA A 45 -3.81 -39.25 -3.68
N LEU A 46 -4.52 -38.50 -2.83
CA LEU A 46 -4.10 -38.19 -1.44
C LEU A 46 -4.53 -39.31 -0.48
N ARG A 47 -4.15 -40.54 -0.77
CA ARG A 47 -4.62 -41.82 -0.16
C ARG A 47 -4.66 -41.75 1.37
N LEU A 48 -3.51 -41.53 2.02
CA LEU A 48 -3.45 -41.54 3.51
C LEU A 48 -4.31 -40.41 4.07
N TYR A 49 -4.34 -39.26 3.40
CA TYR A 49 -5.10 -38.05 3.84
C TYR A 49 -6.59 -38.37 3.81
N LEU A 50 -7.01 -39.23 2.89
CA LEU A 50 -8.44 -39.53 2.72
C LEU A 50 -8.78 -40.67 3.67
N ARG A 51 -7.75 -41.44 4.04
CA ARG A 51 -7.89 -42.65 4.89
C ARG A 51 -7.90 -42.22 6.36
N VAL A 52 -7.06 -41.26 6.73
CA VAL A 52 -6.77 -41.03 8.17
C VAL A 52 -8.06 -40.60 8.90
N PRO A 53 -9.04 -39.86 8.30
CA PRO A 53 -10.28 -39.58 9.02
C PRO A 53 -11.01 -40.82 9.53
N HIS A 54 -10.84 -41.97 8.87
CA HIS A 54 -11.46 -43.24 9.33
C HIS A 54 -10.89 -43.59 10.72
N PHE A 55 -9.58 -43.46 10.88
CA PHE A 55 -8.87 -43.82 12.13
C PHE A 55 -9.35 -42.87 13.21
N LEU A 56 -9.45 -41.58 12.88
CA LEU A 56 -9.80 -40.53 13.85
C LEU A 56 -11.21 -40.77 14.38
N THR A 57 -12.08 -41.42 13.62
CA THR A 57 -13.52 -41.51 13.96
C THR A 57 -13.85 -42.91 14.45
N GLU A 58 -12.84 -43.67 14.88
CA GLU A 58 -13.04 -45.08 15.32
C GLU A 58 -13.89 -45.12 16.62
N TRP A 59 -13.97 -44.05 17.39
CA TRP A 59 -14.69 -44.03 18.70
C TRP A 59 -16.18 -43.72 18.48
N THR A 60 -16.62 -43.48 17.24
CA THR A 60 -17.99 -43.03 16.90
C THR A 60 -18.90 -44.25 16.66
N THR A 61 -19.89 -44.47 17.54
CA THR A 61 -20.67 -45.74 17.57
C THR A 61 -21.75 -45.69 16.49
N ASP A 62 -22.38 -44.54 16.18
CA ASP A 62 -23.40 -44.49 15.11
C ASP A 62 -22.70 -44.52 13.74
N PRO A 63 -22.95 -45.56 12.92
CA PRO A 63 -22.28 -45.68 11.63
C PRO A 63 -22.55 -44.49 10.71
N ASP A 64 -23.74 -43.88 10.77
CA ASP A 64 -24.12 -42.74 9.88
C ASP A 64 -23.39 -41.46 10.31
N ARG A 65 -23.42 -41.08 11.60
CA ARG A 65 -22.57 -39.99 12.13
C ARG A 65 -21.10 -40.21 11.75
N ARG A 66 -20.58 -41.44 11.90
CA ARG A 66 -19.18 -41.77 11.63
C ARG A 66 -18.82 -41.45 10.18
N ALA A 67 -19.65 -41.89 9.23
CA ALA A 67 -19.47 -41.62 7.78
C ALA A 67 -19.47 -40.11 7.54
N ALA A 68 -20.30 -39.37 8.26
CA ALA A 68 -20.49 -37.92 8.01
C ALA A 68 -19.30 -37.12 8.59
N VAL A 69 -18.78 -37.49 9.75
CA VAL A 69 -17.62 -36.80 10.34
C VAL A 69 -16.36 -37.13 9.51
N SER A 70 -16.20 -38.39 9.13
CA SER A 70 -15.05 -38.89 8.35
C SER A 70 -14.94 -38.03 7.09
N ARG A 71 -16.04 -37.85 6.34
CA ARG A 71 -15.96 -37.18 5.01
C ARG A 71 -15.76 -35.64 5.18
N ALA A 72 -16.29 -35.07 6.24
CA ALA A 72 -16.10 -33.65 6.62
C ALA A 72 -14.62 -33.37 6.94
N LEU A 73 -13.99 -34.22 7.77
CA LEU A 73 -12.55 -34.14 8.11
C LEU A 73 -11.73 -34.26 6.81
N ALA A 74 -12.09 -35.17 5.92
CA ALA A 74 -11.40 -35.38 4.64
C ALA A 74 -11.41 -34.09 3.81
N LEU A 75 -12.55 -33.40 3.76
CA LEU A 75 -12.64 -32.14 2.97
C LEU A 75 -11.57 -31.16 3.49
N ASP A 76 -11.50 -30.95 4.80
CA ASP A 76 -10.61 -29.90 5.36
C ASP A 76 -9.17 -30.37 5.25
N ILE A 77 -8.90 -31.62 5.57
CA ILE A 77 -7.53 -32.16 5.48
C ILE A 77 -7.05 -31.98 4.02
N VAL A 78 -7.89 -32.27 3.02
CA VAL A 78 -7.48 -32.10 1.59
C VAL A 78 -7.30 -30.60 1.35
N SER A 79 -8.16 -29.79 1.93
CA SER A 79 -8.09 -28.32 1.77
C SER A 79 -6.71 -27.81 2.21
N MET A 80 -6.28 -28.23 3.40
CA MET A 80 -5.00 -27.81 4.00
C MET A 80 -3.84 -28.37 3.17
N LYS A 81 -3.99 -29.56 2.60
CA LYS A 81 -2.96 -30.12 1.71
C LYS A 81 -2.85 -29.24 0.46
N LEU A 82 -3.97 -28.74 -0.06
CA LEU A 82 -3.95 -27.91 -1.27
C LEU A 82 -3.31 -26.56 -0.92
N LEU A 83 -3.48 -26.06 0.30
CA LEU A 83 -2.85 -24.79 0.69
C LEU A 83 -1.34 -24.99 0.72
N ASP A 84 -0.93 -26.19 1.15
CA ASP A 84 0.48 -26.62 1.26
C ASP A 84 1.06 -26.67 -0.16
N ASP A 85 0.35 -27.26 -1.12
CA ASP A 85 0.73 -27.27 -2.57
C ASP A 85 0.88 -25.83 -3.08
N LEU A 86 0.04 -24.93 -2.60
CA LEU A 86 0.00 -23.54 -3.08
C LEU A 86 1.22 -22.81 -2.50
N MET A 87 1.71 -23.15 -1.30
CA MET A 87 2.87 -22.43 -0.75
C MET A 87 4.19 -22.96 -1.34
N ASP A 88 4.25 -24.22 -1.77
CA ASP A 88 5.46 -24.85 -2.36
C ASP A 88 5.54 -24.50 -3.86
N ASP A 89 4.40 -24.33 -4.52
CA ASP A 89 4.27 -24.00 -5.97
C ASP A 89 5.08 -24.99 -6.82
N ASP A 90 4.94 -26.30 -6.61
CA ASP A 90 5.84 -27.31 -7.24
C ASP A 90 5.03 -28.45 -7.87
N THR A 91 3.70 -28.33 -7.99
CA THR A 91 2.83 -29.41 -8.51
C THR A 91 2.60 -29.25 -10.02
N GLY A 92 2.96 -28.09 -10.57
CA GLY A 92 2.57 -27.68 -11.93
C GLY A 92 1.07 -27.44 -12.07
N LEU A 93 0.28 -27.53 -11.00
CA LEU A 93 -1.18 -27.24 -11.06
C LEU A 93 -1.42 -25.72 -11.11
N ASP A 94 -2.57 -25.32 -11.64
CA ASP A 94 -3.04 -23.90 -11.73
C ASP A 94 -3.27 -23.32 -10.34
N ARG A 95 -2.58 -22.24 -9.99
CA ARG A 95 -2.62 -21.64 -8.63
C ARG A 95 -4.04 -21.12 -8.33
N VAL A 96 -4.75 -20.62 -9.35
CA VAL A 96 -6.13 -20.07 -9.16
C VAL A 96 -7.06 -21.20 -8.73
N GLU A 97 -6.98 -22.34 -9.41
CA GLU A 97 -7.81 -23.52 -9.06
C GLU A 97 -7.43 -23.98 -7.65
N LEU A 98 -6.13 -24.09 -7.37
CA LEU A 98 -5.63 -24.58 -6.08
C LEU A 98 -6.29 -23.75 -4.99
N ALA A 99 -6.18 -22.44 -5.14
CA ALA A 99 -6.61 -21.50 -4.11
C ALA A 99 -8.12 -21.62 -3.95
N CYS A 100 -8.84 -21.63 -5.08
CA CYS A 100 -10.31 -21.51 -5.06
C CYS A 100 -10.92 -22.82 -4.53
N VAL A 101 -10.35 -23.94 -4.94
CA VAL A 101 -10.80 -25.27 -4.46
C VAL A 101 -10.42 -25.41 -3.00
N CYS A 102 -9.20 -24.97 -2.61
CA CYS A 102 -8.75 -24.97 -1.21
C CYS A 102 -9.83 -24.29 -0.36
N LEU A 103 -10.19 -23.06 -0.70
CA LEU A 103 -11.22 -22.28 0.01
C LEU A 103 -12.55 -23.02 0.03
N ARG A 104 -13.05 -23.47 -1.11
CA ARG A 104 -14.39 -24.10 -1.19
C ARG A 104 -14.44 -25.35 -0.28
N LEU A 105 -13.46 -26.24 -0.36
CA LEU A 105 -13.44 -27.52 0.42
C LEU A 105 -13.52 -27.19 1.92
N HIS A 106 -12.76 -26.18 2.33
CA HIS A 106 -12.61 -25.75 3.73
C HIS A 106 -13.95 -25.23 4.23
N LEU A 107 -14.59 -24.40 3.44
CA LEU A 107 -15.87 -23.78 3.87
C LEU A 107 -16.94 -24.88 3.97
N ARG A 108 -16.92 -25.87 3.07
CA ARG A 108 -17.87 -27.03 3.13
C ARG A 108 -17.59 -27.80 4.42
N ALA A 109 -16.31 -28.04 4.74
CA ALA A 109 -15.94 -28.77 5.95
C ALA A 109 -16.48 -28.02 7.15
N LEU A 110 -16.28 -26.70 7.21
CA LEU A 110 -16.72 -25.93 8.40
C LEU A 110 -18.23 -26.19 8.55
N HIS A 111 -18.93 -26.14 7.43
CA HIS A 111 -20.41 -26.25 7.42
C HIS A 111 -20.79 -27.65 7.90
N GLU A 112 -20.13 -28.70 7.39
CA GLU A 112 -20.50 -30.10 7.68
C GLU A 112 -20.12 -30.42 9.12
N LEU A 113 -18.97 -29.97 9.58
CA LEU A 113 -18.51 -30.16 10.97
C LEU A 113 -19.45 -29.44 11.94
N GLU A 114 -19.82 -28.20 11.67
CA GLU A 114 -20.67 -27.44 12.62
C GLU A 114 -22.06 -28.08 12.68
N SER A 115 -22.52 -28.68 11.61
CA SER A 115 -23.86 -29.34 11.56
C SER A 115 -23.83 -30.64 12.37
N LEU A 116 -22.65 -31.15 12.72
CA LEU A 116 -22.53 -32.44 13.46
C LEU A 116 -22.13 -32.18 14.90
N ALA A 117 -21.44 -31.07 15.16
CA ALA A 117 -20.94 -30.71 16.50
C ALA A 117 -22.10 -30.66 17.50
N ARG A 118 -21.89 -31.17 18.71
CA ARG A 118 -22.75 -30.90 19.90
C ARG A 118 -22.94 -29.39 20.05
N ASP A 119 -21.82 -28.66 20.13
CA ASP A 119 -21.82 -27.18 20.15
C ASP A 119 -21.11 -26.66 18.91
N PRO A 120 -21.82 -26.10 17.89
CA PRO A 120 -21.15 -25.57 16.69
C PRO A 120 -19.91 -24.71 16.99
N LYS A 121 -19.95 -23.91 18.06
CA LYS A 121 -18.82 -23.08 18.58
C LYS A 121 -17.55 -23.92 18.84
N ALA A 122 -17.66 -25.19 19.15
CA ALA A 122 -16.48 -26.03 19.47
C ALA A 122 -15.58 -26.16 18.24
N VAL A 123 -16.12 -26.09 17.04
CA VAL A 123 -15.31 -26.20 15.78
C VAL A 123 -14.30 -25.04 15.73
N THR A 124 -14.75 -23.80 15.86
CA THR A 124 -13.88 -22.60 15.74
C THR A 124 -13.01 -22.45 17.00
N ASP A 125 -13.47 -22.93 18.16
CA ASP A 125 -12.64 -23.04 19.38
C ASP A 125 -11.40 -23.89 19.05
N ILE A 126 -11.65 -25.09 18.55
CA ILE A 126 -10.55 -26.08 18.31
C ILE A 126 -9.63 -25.47 17.24
N LEU A 127 -10.19 -24.88 16.19
CA LEU A 127 -9.35 -24.35 15.09
C LEU A 127 -8.55 -23.14 15.54
N GLU A 128 -9.07 -22.31 16.46
CA GLU A 128 -8.37 -21.05 16.88
C GLU A 128 -7.28 -21.36 17.95
N GLN A 129 -7.60 -22.27 18.88
CA GLN A 129 -6.87 -22.59 20.15
C GLN A 129 -5.35 -22.59 19.95
N ASP A 130 -4.88 -23.37 19.00
CA ASP A 130 -3.44 -23.51 18.71
C ASP A 130 -3.17 -23.14 17.23
N ALA A 131 -3.99 -22.25 16.67
CA ALA A 131 -3.75 -21.74 15.30
C ALA A 131 -2.35 -21.12 15.20
N VAL A 132 -1.96 -20.34 16.20
CA VAL A 132 -0.61 -19.68 16.21
C VAL A 132 0.50 -20.74 16.26
N HIS A 133 0.37 -21.75 17.13
CA HIS A 133 1.36 -22.86 17.23
C HIS A 133 1.50 -23.57 15.88
N LEU A 134 0.37 -23.91 15.25
CA LEU A 134 0.40 -24.55 13.93
C LEU A 134 1.02 -23.61 12.86
N CYS A 135 0.49 -22.40 12.70
CA CYS A 135 0.86 -21.53 11.53
C CYS A 135 2.26 -20.95 11.78
N GLY A 136 2.54 -20.47 12.99
CA GLY A 136 3.89 -20.04 13.39
C GLY A 136 4.87 -21.18 13.23
N GLY A 137 4.44 -22.39 13.62
CA GLY A 137 5.24 -23.61 13.52
C GLY A 137 5.67 -23.87 12.11
N GLN A 138 4.74 -23.86 11.16
CA GLN A 138 5.05 -24.12 9.72
C GLN A 138 6.03 -23.06 9.20
N ILE A 139 5.90 -21.80 9.61
CA ILE A 139 6.83 -20.75 9.13
C ILE A 139 8.24 -21.07 9.63
N ARG A 140 8.38 -21.44 10.92
CA ARG A 140 9.69 -21.75 11.58
C ARG A 140 10.32 -22.99 10.94
N THR A 141 9.52 -23.97 10.57
CA THR A 141 9.98 -25.24 9.95
C THR A 141 10.66 -24.95 8.61
N LYS A 142 10.01 -24.13 7.78
CA LYS A 142 10.43 -23.95 6.36
C LYS A 142 11.56 -22.89 6.33
N ARG A 143 11.85 -22.28 7.47
CA ARG A 143 12.83 -21.18 7.63
C ARG A 143 14.20 -21.81 7.89
N SER A 144 14.34 -22.34 9.12
CA SER A 144 15.57 -22.93 9.71
C SER A 144 15.39 -24.45 9.84
N ARG A 145 15.95 -25.21 8.89
CA ARG A 145 15.85 -26.69 8.75
C ARG A 145 16.57 -27.41 9.90
N ALA A 146 16.07 -28.60 10.29
CA ALA A 146 16.63 -29.47 11.35
C ALA A 146 18.02 -30.03 10.99
N THR A 147 18.90 -30.17 11.99
CA THR A 147 20.27 -30.72 11.85
C THR A 147 20.43 -31.94 12.77
N ASN A 148 19.39 -32.32 13.53
CA ASN A 148 19.40 -33.49 14.43
C ASN A 148 17.97 -33.97 14.68
N LEU A 149 17.81 -35.06 15.42
CA LEU A 149 16.49 -35.70 15.61
C LEU A 149 15.65 -34.82 16.53
N ARG A 150 16.27 -34.15 17.50
CA ARG A 150 15.56 -33.25 18.46
C ARG A 150 14.89 -32.15 17.64
N GLU A 151 15.64 -31.52 16.72
CA GLU A 151 15.09 -30.39 15.93
C GLU A 151 14.01 -30.91 14.98
N TRP A 152 14.25 -32.08 14.36
CA TRP A 152 13.30 -32.65 13.38
C TRP A 152 11.96 -32.91 14.08
N ARG A 153 12.01 -33.46 15.30
CA ARG A 153 10.80 -33.84 16.07
C ARG A 153 10.05 -32.58 16.49
N ALA A 154 10.81 -31.55 16.88
CA ALA A 154 10.30 -30.22 17.29
C ALA A 154 9.42 -29.67 16.16
N HIS A 155 9.95 -29.70 14.93
CA HIS A 155 9.26 -29.14 13.74
C HIS A 155 8.06 -30.03 13.39
N ALA A 156 8.23 -31.35 13.41
CA ALA A 156 7.19 -32.33 13.03
C ALA A 156 6.06 -32.31 14.07
N SER A 157 6.30 -31.87 15.30
CA SER A 157 5.23 -31.79 16.33
C SER A 157 4.21 -30.70 15.96
N THR A 158 4.56 -29.74 15.09
CA THR A 158 3.62 -28.70 14.59
C THR A 158 2.89 -29.21 13.33
N TYR A 159 3.59 -29.32 12.20
CA TYR A 159 2.95 -29.56 10.90
C TYR A 159 2.45 -31.03 10.82
N GLY A 160 2.96 -31.92 11.66
CA GLY A 160 2.40 -33.28 11.82
C GLY A 160 1.48 -33.37 13.02
N SER A 161 2.00 -33.31 14.23
CA SER A 161 1.23 -33.71 15.45
C SER A 161 0.10 -32.73 15.74
N THR A 162 0.38 -31.43 15.80
CA THR A 162 -0.67 -30.41 16.05
C THR A 162 -1.69 -30.43 14.91
N PHE A 163 -1.20 -30.44 13.67
CA PHE A 163 -2.07 -30.61 12.47
C PHE A 163 -3.11 -31.73 12.71
N LEU A 164 -2.69 -32.97 12.97
CA LEU A 164 -3.67 -34.07 13.05
C LEU A 164 -4.39 -34.04 14.40
N GLY A 165 -3.75 -33.52 15.43
CA GLY A 165 -4.36 -33.37 16.78
C GLY A 165 -5.68 -32.64 16.70
N ARG A 166 -5.71 -31.58 15.90
CA ARG A 166 -6.88 -30.68 15.74
C ARG A 166 -8.05 -31.49 15.17
N TYR A 167 -7.78 -32.33 14.19
CA TYR A 167 -8.80 -33.18 13.52
C TYR A 167 -9.22 -34.27 14.51
N GLY A 168 -8.30 -34.73 15.35
CA GLY A 168 -8.67 -35.60 16.49
C GLY A 168 -9.74 -34.94 17.35
N ALA A 169 -9.50 -33.70 17.76
CA ALA A 169 -10.37 -32.96 18.67
C ALA A 169 -11.69 -32.69 17.99
N LEU A 170 -11.64 -32.43 16.69
CA LEU A 170 -12.88 -32.17 15.90
C LEU A 170 -13.69 -33.46 15.81
N ALA A 171 -13.05 -34.60 15.54
CA ALA A 171 -13.73 -35.91 15.53
C ALA A 171 -14.49 -36.12 16.85
N ALA A 172 -13.87 -35.79 17.98
CA ALA A 172 -14.50 -36.09 19.28
C ALA A 172 -15.65 -35.11 19.49
N ALA A 173 -15.52 -33.87 18.98
CA ALA A 173 -16.53 -32.82 19.18
C ALA A 173 -17.76 -33.09 18.30
N CYS A 174 -17.56 -33.78 17.17
CA CYS A 174 -18.62 -34.06 16.15
C CYS A 174 -19.05 -35.52 16.28
N GLY A 175 -18.44 -36.28 17.18
CA GLY A 175 -18.80 -37.67 17.49
C GLY A 175 -19.95 -37.73 18.47
N GLY A 176 -20.24 -38.91 18.99
CA GLY A 176 -21.51 -39.11 19.72
C GLY A 176 -21.38 -38.91 21.22
N GLU A 177 -20.35 -38.20 21.71
CA GLU A 177 -20.19 -37.87 23.17
C GLU A 177 -19.94 -39.13 24.05
N GLY A 178 -19.29 -38.92 25.19
CA GLY A 178 -18.60 -39.98 25.97
C GLY A 178 -17.20 -40.25 25.43
N GLN A 179 -17.04 -40.17 24.09
CA GLN A 179 -15.76 -40.04 23.33
C GLN A 179 -14.69 -39.41 24.24
N PRO A 180 -13.56 -40.09 24.52
CA PRO A 180 -12.49 -39.49 25.33
C PRO A 180 -11.59 -38.55 24.49
N ALA A 181 -12.01 -37.29 24.39
CA ALA A 181 -11.44 -36.23 23.52
C ALA A 181 -9.91 -36.13 23.68
N ASP A 182 -9.39 -36.07 24.89
CA ASP A 182 -7.91 -35.96 25.17
C ASP A 182 -7.21 -37.17 24.53
N SER A 183 -7.81 -38.36 24.59
CA SER A 183 -7.18 -39.61 24.10
C SER A 183 -7.29 -39.67 22.58
N VAL A 184 -8.41 -39.23 22.01
CA VAL A 184 -8.54 -39.15 20.53
C VAL A 184 -7.37 -38.28 20.02
N ARG A 185 -7.10 -37.17 20.69
CA ARG A 185 -6.11 -36.17 20.21
C ARG A 185 -4.68 -36.71 20.39
N GLU A 186 -4.44 -37.35 21.52
CA GLU A 186 -3.16 -38.04 21.87
C GLU A 186 -2.89 -39.11 20.82
N PHE A 187 -3.90 -39.90 20.45
CA PHE A 187 -3.78 -40.90 19.37
C PHE A 187 -3.32 -40.19 18.08
N ALA A 188 -4.04 -39.12 17.73
CA ALA A 188 -3.84 -38.38 16.46
C ALA A 188 -2.42 -37.77 16.41
N GLU A 189 -1.93 -37.21 17.52
CA GLU A 189 -0.61 -36.54 17.59
C GLU A 189 0.50 -37.59 17.48
N ALA A 190 0.32 -38.75 18.11
CA ALA A 190 1.37 -39.81 18.10
C ALA A 190 1.40 -40.46 16.72
N PHE A 191 0.24 -40.77 16.19
CA PHE A 191 0.11 -41.43 14.88
C PHE A 191 0.65 -40.48 13.80
N ALA A 192 0.29 -39.21 13.91
CA ALA A 192 0.68 -38.16 12.93
C ALA A 192 2.21 -38.21 12.78
N MET A 193 2.94 -38.34 13.88
CA MET A 193 4.42 -38.22 13.80
C MET A 193 4.99 -39.48 13.18
N THR A 194 4.45 -40.68 13.48
CA THR A 194 4.75 -41.94 12.78
C THR A 194 4.62 -41.71 11.27
N ILE A 195 3.48 -41.20 10.79
CA ILE A 195 3.27 -41.12 9.31
C ILE A 195 4.06 -39.95 8.71
N THR A 196 4.39 -38.91 9.47
CA THR A 196 5.24 -37.79 9.02
C THR A 196 6.66 -38.34 8.81
N MET A 197 7.16 -39.17 9.71
CA MET A 197 8.48 -39.85 9.53
C MET A 197 8.44 -40.68 8.24
N ALA A 198 7.39 -41.46 8.07
CA ALA A 198 7.18 -42.34 6.90
C ALA A 198 7.22 -41.49 5.63
N ASP A 199 6.48 -40.39 5.63
CA ASP A 199 6.41 -39.51 4.45
C ASP A 199 7.82 -38.95 4.16
N ASP A 200 8.49 -38.47 5.19
CA ASP A 200 9.86 -37.93 5.09
C ASP A 200 10.79 -38.99 4.45
N LEU A 201 10.70 -40.27 4.83
CA LEU A 201 11.61 -41.37 4.37
C LEU A 201 11.18 -41.98 3.01
N THR A 202 10.04 -41.52 2.48
CA THR A 202 9.50 -41.94 1.15
C THR A 202 9.82 -40.83 0.12
N ASP A 203 9.53 -39.58 0.53
CA ASP A 203 9.60 -38.27 -0.19
C ASP A 203 11.03 -37.70 -0.35
N TYR A 204 12.05 -38.31 0.24
CA TYR A 204 13.48 -38.11 -0.15
C TYR A 204 13.60 -38.39 -1.65
N ASP A 205 13.26 -39.62 -2.06
CA ASP A 205 13.30 -40.10 -3.46
C ASP A 205 11.96 -39.79 -4.12
N ARG A 206 11.03 -40.75 -4.10
CA ARG A 206 9.77 -40.80 -4.91
C ARG A 206 9.72 -39.70 -5.98
N ASN A 213 14.86 -32.57 6.51
CA ASN A 213 14.43 -33.89 5.97
C ASN A 213 15.19 -34.98 6.71
N LEU A 214 14.45 -35.85 7.41
CA LEU A 214 14.96 -36.95 8.25
C LEU A 214 15.85 -37.90 7.45
N ALA A 215 15.48 -38.18 6.20
CA ALA A 215 16.25 -39.10 5.35
C ALA A 215 17.67 -38.57 5.10
N HIS A 216 17.78 -37.31 4.69
CA HIS A 216 19.09 -36.68 4.40
C HIS A 216 19.95 -36.82 5.66
N LEU A 217 19.41 -36.47 6.84
CA LEU A 217 20.15 -36.53 8.14
C LEU A 217 20.58 -37.97 8.47
N MET A 218 19.78 -38.98 8.13
CA MET A 218 20.14 -40.38 8.43
C MET A 218 21.31 -40.80 7.55
N ARG A 219 21.32 -40.31 6.31
CA ARG A 219 22.22 -40.76 5.21
C ARG A 219 23.58 -40.10 5.42
N THR A 220 23.61 -38.86 5.90
CA THR A 220 24.85 -38.13 6.24
C THR A 220 25.19 -38.28 7.73
N GLY A 221 24.60 -39.26 8.42
CA GLY A 221 24.95 -39.66 9.81
C GLY A 221 24.76 -38.59 10.88
N ALA A 222 24.04 -37.49 10.61
CA ALA A 222 23.62 -36.53 11.66
C ALA A 222 22.53 -37.14 12.56
N VAL A 223 21.90 -38.25 12.13
CA VAL A 223 20.89 -38.97 12.94
C VAL A 223 21.19 -40.47 12.88
N ALA A 224 21.28 -41.11 14.05
CA ALA A 224 21.58 -42.55 14.19
C ALA A 224 20.27 -43.35 14.00
N GLY A 225 20.35 -44.47 13.29
CA GLY A 225 19.23 -45.41 13.06
C GLY A 225 18.54 -45.76 14.38
N GLN A 226 19.33 -46.10 15.40
CA GLN A 226 18.78 -46.65 16.67
C GLN A 226 17.89 -45.56 17.29
N ASP A 227 18.27 -44.30 17.13
CA ASP A 227 17.46 -43.20 17.69
C ASP A 227 16.12 -43.10 16.94
N VAL A 228 16.11 -43.31 15.62
CA VAL A 228 14.85 -43.29 14.83
C VAL A 228 13.98 -44.46 15.28
N VAL A 229 14.59 -45.62 15.52
CA VAL A 229 13.86 -46.82 16.00
C VAL A 229 13.20 -46.48 17.34
N ASP A 230 13.96 -45.86 18.24
CA ASP A 230 13.48 -45.58 19.62
C ASP A 230 12.29 -44.63 19.55
N LEU A 231 12.38 -43.61 18.69
CA LEU A 231 11.28 -42.62 18.53
C LEU A 231 10.03 -43.35 18.04
N LEU A 232 10.18 -44.24 17.06
CA LEU A 232 9.05 -45.00 16.46
C LEU A 232 8.43 -45.87 17.54
N GLU A 233 9.26 -46.49 18.39
CA GLU A 233 8.77 -47.38 19.47
C GLU A 233 8.02 -46.51 20.49
N GLU A 234 8.51 -45.30 20.73
CA GLU A 234 7.88 -44.37 21.70
C GLU A 234 6.52 -43.94 21.18
N LEU A 235 6.43 -43.62 19.89
CA LEU A 235 5.16 -43.19 19.26
C LEU A 235 4.20 -44.37 19.20
N ARG A 236 4.74 -45.57 19.03
CA ARG A 236 3.88 -46.77 19.00
C ARG A 236 3.23 -46.90 20.37
N GLY A 237 4.02 -46.85 21.43
CA GLY A 237 3.51 -46.95 22.82
C GLY A 237 2.51 -45.84 23.15
N ARG A 238 2.76 -44.62 22.69
CA ARG A 238 1.89 -43.44 23.01
C ARG A 238 0.52 -43.69 22.38
N ALA A 239 0.51 -44.12 21.13
CA ALA A 239 -0.73 -44.41 20.40
C ALA A 239 -1.48 -45.58 21.04
N LEU A 240 -0.78 -46.67 21.37
CA LEU A 240 -1.47 -47.83 22.01
C LEU A 240 -2.07 -47.41 23.35
N ALA A 241 -1.40 -46.55 24.11
CA ALA A 241 -1.92 -46.10 25.42
C ALA A 241 -3.19 -45.28 25.17
N ALA A 242 -3.17 -44.42 24.15
CA ALA A 242 -4.29 -43.48 23.88
C ALA A 242 -5.55 -44.28 23.57
N VAL A 243 -5.41 -45.37 22.81
CA VAL A 243 -6.59 -46.13 22.30
C VAL A 243 -7.01 -47.20 23.34
N ALA A 244 -6.29 -47.33 24.46
CA ALA A 244 -6.70 -48.22 25.57
C ALA A 244 -7.42 -47.41 26.66
N ALA A 245 -7.46 -46.07 26.58
CA ALA A 245 -8.23 -45.24 27.54
C ALA A 245 -9.73 -45.42 27.29
N PRO A 246 -10.59 -45.51 28.33
CA PRO A 246 -12.01 -45.79 28.10
C PRO A 246 -12.81 -44.64 27.49
N PRO A 247 -13.86 -44.90 26.67
CA PRO A 247 -14.31 -46.26 26.36
C PRO A 247 -13.33 -47.22 25.66
N GLY A 248 -12.51 -46.76 24.70
CA GLY A 248 -11.49 -47.61 24.07
C GLY A 248 -11.74 -47.79 22.59
N ALA A 249 -10.69 -47.79 21.77
CA ALA A 249 -10.76 -48.03 20.30
C ALA A 249 -9.83 -49.18 19.92
N PRO A 250 -10.21 -50.42 20.28
CA PRO A 250 -9.33 -51.56 20.05
C PRO A 250 -9.04 -51.76 18.56
N GLY A 251 -9.96 -51.37 17.68
CA GLY A 251 -9.73 -51.48 16.22
C GLY A 251 -8.48 -50.75 15.77
N LEU A 252 -8.00 -49.74 16.51
CA LEU A 252 -6.80 -48.93 16.11
C LEU A 252 -5.49 -49.63 16.46
N VAL A 253 -5.51 -50.63 17.32
CA VAL A 253 -4.25 -51.33 17.72
C VAL A 253 -3.53 -51.83 16.47
N PRO A 254 -4.14 -52.66 15.61
CA PRO A 254 -3.45 -53.20 14.44
C PRO A 254 -3.01 -52.09 13.46
N VAL A 255 -3.73 -50.97 13.45
CA VAL A 255 -3.39 -49.79 12.58
C VAL A 255 -2.06 -49.21 13.07
N VAL A 256 -1.93 -49.04 14.38
CA VAL A 256 -0.70 -48.46 14.95
C VAL A 256 0.48 -49.36 14.57
N HIS A 257 0.31 -50.66 14.73
CA HIS A 257 1.39 -51.65 14.47
C HIS A 257 1.73 -51.58 12.98
N LEU A 258 0.71 -51.54 12.11
CA LEU A 258 0.92 -51.62 10.64
C LEU A 258 1.83 -50.48 10.18
N TYR A 259 1.48 -49.24 10.52
CA TYR A 259 2.19 -48.01 10.08
C TYR A 259 3.58 -47.93 10.73
N THR A 260 3.65 -48.29 12.01
CA THR A 260 4.96 -48.33 12.71
C THR A 260 5.86 -49.37 12.06
N ASP A 261 5.39 -50.62 11.95
CA ASP A 261 6.28 -51.71 11.48
C ASP A 261 6.69 -51.38 10.04
N ASP A 262 5.80 -50.77 9.26
CA ASP A 262 6.14 -50.41 7.88
C ASP A 262 7.38 -49.49 7.88
N VAL A 263 7.48 -48.51 8.78
CA VAL A 263 8.66 -47.57 8.81
C VAL A 263 9.91 -48.36 9.24
N LEU A 264 9.78 -49.24 10.22
CA LEU A 264 10.93 -50.04 10.75
C LEU A 264 11.45 -51.00 9.66
N VAL A 265 10.55 -51.74 9.05
CA VAL A 265 10.88 -52.90 8.17
C VAL A 265 11.18 -52.42 6.73
N ARG A 266 10.37 -51.53 6.16
CA ARG A 266 10.46 -51.16 4.73
C ARG A 266 11.31 -49.91 4.58
N LEU A 267 11.06 -48.88 5.36
CA LEU A 267 11.63 -47.56 5.05
C LEU A 267 13.02 -47.33 5.65
N LEU A 268 13.28 -47.69 6.91
CA LEU A 268 14.57 -47.36 7.58
C LEU A 268 15.74 -47.94 6.81
N PRO A 269 15.68 -49.23 6.39
CA PRO A 269 16.77 -49.85 5.65
C PRO A 269 17.15 -49.10 4.37
N ARG A 270 16.24 -48.28 3.84
CA ARG A 270 16.54 -47.56 2.60
C ARG A 270 17.59 -46.49 2.92
N HIS A 271 17.77 -46.14 4.19
CA HIS A 271 18.55 -44.93 4.55
C HIS A 271 19.76 -45.26 5.47
N LEU A 272 20.18 -46.51 5.58
CA LEU A 272 21.18 -46.95 6.59
C LEU A 272 22.16 -47.97 5.97
N ASP B 10 -17.13 14.49 12.64
CA ASP B 10 -16.75 13.45 13.63
C ASP B 10 -17.13 12.05 13.10
N ASP B 11 -17.97 11.93 12.06
CA ASP B 11 -18.20 10.65 11.34
C ASP B 11 -16.94 10.28 10.56
N ASP B 12 -16.30 11.26 9.91
CA ASP B 12 -15.01 11.07 9.18
C ASP B 12 -13.91 10.68 10.18
N ASP B 13 -13.98 11.21 11.40
CA ASP B 13 -13.06 10.85 12.51
C ASP B 13 -13.35 9.44 13.05
N LYS B 14 -14.62 9.01 13.13
CA LYS B 14 -15.00 7.63 13.56
C LYS B 14 -14.46 6.60 12.55
N MET B 15 -14.53 6.94 11.26
CA MET B 15 -14.16 6.07 10.12
C MET B 15 -12.63 5.95 10.06
N LEU B 16 -11.89 7.03 10.37
CA LEU B 16 -10.40 6.98 10.50
C LEU B 16 -10.03 6.15 11.71
N ALA B 17 -10.65 6.37 12.89
CA ALA B 17 -10.27 5.62 14.10
C ALA B 17 -10.52 4.13 13.87
N ALA B 18 -11.56 3.76 13.15
CA ALA B 18 -11.99 2.34 13.02
C ALA B 18 -11.01 1.66 12.07
N GLU B 19 -10.62 2.36 11.01
CA GLU B 19 -9.56 1.85 10.10
C GLU B 19 -8.32 1.58 10.92
N ALA B 20 -7.96 2.50 11.80
CA ALA B 20 -6.68 2.43 12.55
C ALA B 20 -6.79 1.28 13.53
N ALA B 21 -7.96 1.06 14.11
CA ALA B 21 -8.19 -0.01 15.13
C ALA B 21 -8.16 -1.35 14.40
N ASN B 22 -8.80 -1.44 13.23
CA ASN B 22 -8.72 -2.65 12.38
C ASN B 22 -7.26 -2.89 12.00
N ARG B 23 -6.54 -1.89 11.49
CA ARG B 23 -5.10 -2.03 11.13
C ARG B 23 -4.31 -2.53 12.36
N ASP B 24 -4.56 -1.99 13.54
CA ASP B 24 -3.83 -2.43 14.76
C ASP B 24 -4.11 -3.93 15.03
N HIS B 25 -5.39 -4.33 15.10
CA HIS B 25 -5.80 -5.74 15.32
C HIS B 25 -5.14 -6.65 14.28
N VAL B 26 -5.14 -6.26 13.00
CA VAL B 26 -4.66 -7.15 11.90
C VAL B 26 -3.15 -7.29 11.97
N THR B 27 -2.38 -6.19 12.00
CA THR B 27 -0.89 -6.25 12.02
C THR B 27 -0.39 -7.00 13.27
N ARG B 28 -0.98 -6.78 14.45
CA ARG B 28 -0.55 -7.50 15.69
C ARG B 28 -0.68 -9.00 15.45
N CYS B 29 -1.79 -9.40 14.86
CA CYS B 29 -2.13 -10.81 14.62
C CYS B 29 -1.14 -11.39 13.59
N VAL B 30 -0.81 -10.65 12.54
CA VAL B 30 0.18 -11.09 11.53
C VAL B 30 1.53 -11.29 12.23
N ALA B 31 1.96 -10.36 13.07
CA ALA B 31 3.27 -10.37 13.77
C ALA B 31 3.30 -11.53 14.79
N GLN B 32 2.22 -11.72 15.56
CA GLN B 32 2.09 -12.78 16.60
C GLN B 32 2.27 -14.16 15.93
N THR B 33 1.90 -14.34 14.66
CA THR B 33 2.02 -15.66 13.97
C THR B 33 3.37 -15.83 13.28
N GLY B 34 4.26 -14.85 13.34
CA GLY B 34 5.60 -14.97 12.70
C GLY B 34 5.60 -14.39 11.30
N GLY B 35 4.67 -13.47 11.00
CA GLY B 35 4.73 -12.64 9.79
C GLY B 35 5.95 -11.72 9.85
N SER B 36 6.72 -11.66 8.76
CA SER B 36 7.88 -10.75 8.56
C SER B 36 7.42 -9.29 8.59
N PRO B 37 8.32 -8.31 8.89
CA PRO B 37 7.97 -6.89 8.84
C PRO B 37 7.35 -6.46 7.50
N ASP B 38 7.82 -7.04 6.39
CA ASP B 38 7.33 -6.77 5.03
C ASP B 38 5.85 -7.14 4.94
N LEU B 39 5.51 -8.30 5.52
CA LEU B 39 4.15 -8.88 5.37
C LEU B 39 3.24 -8.07 6.29
N VAL B 40 3.77 -7.68 7.43
CA VAL B 40 3.02 -6.74 8.29
C VAL B 40 2.78 -5.44 7.51
N ALA B 41 3.77 -4.90 6.80
CA ALA B 41 3.64 -3.61 6.08
C ALA B 41 2.64 -3.78 4.94
N HIS B 42 2.64 -4.93 4.27
CA HIS B 42 1.65 -5.23 3.22
C HIS B 42 0.22 -5.14 3.79
N THR B 43 -0.04 -5.78 4.94
CA THR B 43 -1.43 -5.80 5.48
C THR B 43 -1.78 -4.40 5.96
N ALA B 44 -0.83 -3.62 6.50
CA ALA B 44 -1.16 -2.29 7.08
C ALA B 44 -1.55 -1.33 5.94
N ALA B 45 -0.99 -1.57 4.74
CA ALA B 45 -1.20 -0.87 3.47
C ALA B 45 -2.59 -1.13 2.89
N LEU B 46 -3.35 -2.14 3.35
CA LEU B 46 -4.67 -2.48 2.76
C LEU B 46 -5.74 -1.53 3.30
N ARG B 47 -5.66 -0.25 2.93
CA ARG B 47 -6.43 0.82 3.63
C ARG B 47 -7.93 0.55 3.44
N LEU B 48 -8.41 0.43 2.21
CA LEU B 48 -9.88 0.33 1.94
C LEU B 48 -10.44 -0.98 2.53
N TYR B 49 -9.65 -2.05 2.42
CA TYR B 49 -9.98 -3.38 3.01
C TYR B 49 -10.16 -3.21 4.52
N LEU B 50 -9.34 -2.34 5.13
CA LEU B 50 -9.36 -2.16 6.60
C LEU B 50 -10.50 -1.24 7.01
N ARG B 51 -10.98 -0.41 6.09
CA ARG B 51 -11.99 0.64 6.39
C ARG B 51 -13.41 0.10 6.08
N VAL B 52 -13.51 -0.67 5.01
CA VAL B 52 -14.77 -1.24 4.47
C VAL B 52 -15.57 -1.86 5.61
N PRO B 53 -14.96 -2.57 6.59
CA PRO B 53 -15.75 -3.15 7.68
C PRO B 53 -16.50 -2.07 8.45
N HIS B 54 -15.95 -0.85 8.53
CA HIS B 54 -16.64 0.30 9.17
C HIS B 54 -17.96 0.57 8.44
N PHE B 55 -17.94 0.56 7.11
CA PHE B 55 -19.14 0.78 6.26
C PHE B 55 -20.20 -0.31 6.58
N LEU B 56 -19.78 -1.58 6.64
CA LEU B 56 -20.67 -2.76 6.74
C LEU B 56 -21.32 -2.77 8.12
N THR B 57 -20.65 -2.20 9.13
CA THR B 57 -21.20 -2.22 10.50
C THR B 57 -21.93 -0.91 10.85
N GLU B 58 -22.25 -0.06 9.86
CA GLU B 58 -22.83 1.28 10.15
C GLU B 58 -24.18 1.13 10.88
N TRP B 59 -24.89 0.02 10.70
CA TRP B 59 -26.26 -0.20 11.26
C TRP B 59 -26.19 -0.67 12.73
N THR B 60 -24.99 -0.89 13.26
CA THR B 60 -24.79 -1.47 14.61
C THR B 60 -24.88 -0.38 15.70
N THR B 61 -25.82 -0.53 16.64
CA THR B 61 -26.21 0.50 17.65
C THR B 61 -25.22 0.51 18.82
N ASP B 62 -24.79 -0.65 19.30
CA ASP B 62 -23.83 -0.71 20.43
C ASP B 62 -22.42 -0.57 19.86
N PRO B 63 -21.67 0.49 20.25
CA PRO B 63 -20.34 0.73 19.70
C PRO B 63 -19.26 -0.31 20.09
N ASP B 64 -19.46 -1.03 21.19
CA ASP B 64 -18.52 -2.10 21.60
C ASP B 64 -18.67 -3.31 20.67
N ARG B 65 -19.91 -3.67 20.32
CA ARG B 65 -20.18 -4.75 19.34
C ARG B 65 -19.71 -4.28 17.96
N ARG B 66 -19.95 -3.03 17.65
CA ARG B 66 -19.56 -2.50 16.32
C ARG B 66 -18.06 -2.63 16.13
N ALA B 67 -17.25 -2.15 17.07
CA ALA B 67 -15.78 -2.22 16.98
C ALA B 67 -15.34 -3.68 16.87
N ALA B 68 -15.97 -4.61 17.61
CA ALA B 68 -15.57 -6.05 17.63
C ALA B 68 -15.92 -6.76 16.29
N VAL B 69 -17.10 -6.53 15.75
CA VAL B 69 -17.50 -7.09 14.43
C VAL B 69 -16.58 -6.50 13.37
N SER B 70 -16.31 -5.20 13.46
CA SER B 70 -15.51 -4.49 12.43
C SER B 70 -14.12 -5.14 12.35
N ARG B 71 -13.42 -5.34 13.46
CA ARG B 71 -12.04 -5.87 13.38
C ARG B 71 -12.03 -7.32 12.89
N ALA B 72 -13.03 -8.11 13.28
CA ALA B 72 -13.18 -9.52 12.89
C ALA B 72 -13.41 -9.60 11.37
N LEU B 73 -14.20 -8.70 10.79
CA LEU B 73 -14.38 -8.69 9.31
C LEU B 73 -13.03 -8.35 8.68
N ALA B 74 -12.32 -7.36 9.21
CA ALA B 74 -11.01 -6.92 8.66
C ALA B 74 -10.07 -8.13 8.60
N LEU B 75 -10.03 -8.95 9.66
CA LEU B 75 -9.19 -10.18 9.71
C LEU B 75 -9.46 -11.04 8.50
N ASP B 76 -10.74 -11.31 8.19
CA ASP B 76 -11.04 -12.31 7.14
C ASP B 76 -10.88 -11.68 5.77
N ILE B 77 -11.23 -10.40 5.64
CA ILE B 77 -11.06 -9.73 4.31
C ILE B 77 -9.57 -9.71 4.00
N VAL B 78 -8.73 -9.41 4.99
CA VAL B 78 -7.27 -9.37 4.74
C VAL B 78 -6.79 -10.78 4.40
N SER B 79 -7.24 -11.78 5.16
CA SER B 79 -6.92 -13.21 4.91
C SER B 79 -7.16 -13.53 3.45
N MET B 80 -8.34 -13.23 2.92
CA MET B 80 -8.72 -13.53 1.53
C MET B 80 -7.86 -12.74 0.53
N LYS B 81 -7.53 -11.50 0.86
CA LYS B 81 -6.55 -10.72 0.08
C LYS B 81 -5.19 -11.43 0.06
N LEU B 82 -4.74 -12.02 1.19
CA LEU B 82 -3.47 -12.77 1.22
C LEU B 82 -3.57 -14.03 0.37
N LEU B 83 -4.74 -14.67 0.33
CA LEU B 83 -4.93 -15.90 -0.47
C LEU B 83 -4.79 -15.52 -1.95
N ASP B 84 -5.43 -14.44 -2.34
CA ASP B 84 -5.37 -13.81 -3.69
C ASP B 84 -3.89 -13.49 -4.03
N ASP B 85 -3.12 -12.84 -3.14
CA ASP B 85 -1.68 -12.55 -3.40
C ASP B 85 -0.93 -13.87 -3.60
N LEU B 86 -1.31 -14.90 -2.85
CA LEU B 86 -0.74 -16.27 -2.97
C LEU B 86 -1.06 -16.87 -4.34
N MET B 87 -2.26 -16.67 -4.88
CA MET B 87 -2.58 -17.29 -6.20
C MET B 87 -1.95 -16.49 -7.36
N ASP B 88 -1.83 -15.16 -7.27
CA ASP B 88 -1.08 -14.35 -8.27
C ASP B 88 0.44 -14.63 -8.13
N ASP B 89 0.94 -14.80 -6.90
CA ASP B 89 2.37 -15.00 -6.55
C ASP B 89 3.26 -14.00 -7.32
N ASP B 90 3.05 -12.70 -7.04
CA ASP B 90 3.70 -11.56 -7.73
C ASP B 90 3.92 -10.42 -6.73
N THR B 91 3.83 -10.65 -5.41
CA THR B 91 4.03 -9.57 -4.41
C THR B 91 5.53 -9.48 -4.06
N GLY B 92 6.28 -10.55 -4.36
CA GLY B 92 7.62 -10.79 -3.79
C GLY B 92 7.57 -11.23 -2.33
N LEU B 93 6.40 -11.36 -1.70
CA LEU B 93 6.34 -11.77 -0.27
C LEU B 93 6.60 -13.28 -0.15
N ASP B 94 7.08 -13.75 0.99
CA ASP B 94 7.33 -15.19 1.16
C ASP B 94 5.99 -15.96 1.11
N ARG B 95 5.92 -17.00 0.27
CA ARG B 95 4.69 -17.80 0.04
C ARG B 95 4.30 -18.52 1.33
N VAL B 96 5.27 -18.98 2.11
CA VAL B 96 4.97 -19.75 3.34
C VAL B 96 4.28 -18.83 4.33
N GLU B 97 4.83 -17.64 4.50
CA GLU B 97 4.22 -16.62 5.41
C GLU B 97 2.79 -16.29 4.93
N LEU B 98 2.61 -16.06 3.64
CA LEU B 98 1.31 -15.66 3.03
C LEU B 98 0.26 -16.72 3.36
N ALA B 99 0.61 -17.98 3.14
CA ALA B 99 -0.27 -19.14 3.40
C ALA B 99 -0.61 -19.24 4.89
N CYS B 100 0.41 -19.24 5.73
CA CYS B 100 0.24 -19.54 7.15
C CYS B 100 -0.45 -18.36 7.81
N VAL B 101 -0.17 -17.14 7.34
CA VAL B 101 -0.78 -15.93 7.96
C VAL B 101 -2.23 -15.84 7.44
N CYS B 102 -2.45 -16.13 6.16
CA CYS B 102 -3.79 -16.27 5.56
C CYS B 102 -4.65 -17.15 6.47
N LEU B 103 -4.22 -18.39 6.70
CA LEU B 103 -4.96 -19.35 7.55
C LEU B 103 -5.18 -18.76 8.93
N ARG B 104 -4.13 -18.25 9.56
CA ARG B 104 -4.21 -17.82 10.97
C ARG B 104 -5.28 -16.74 11.09
N LEU B 105 -5.21 -15.70 10.24
CA LEU B 105 -6.17 -14.55 10.31
C LEU B 105 -7.60 -15.10 10.16
N HIS B 106 -7.79 -15.96 9.17
CA HIS B 106 -9.12 -16.53 8.84
C HIS B 106 -9.64 -17.26 10.07
N LEU B 107 -8.80 -18.04 10.76
CA LEU B 107 -9.31 -18.85 11.89
C LEU B 107 -9.65 -17.94 13.06
N ARG B 108 -8.89 -16.86 13.25
CA ARG B 108 -9.17 -15.84 14.29
C ARG B 108 -10.49 -15.15 13.94
N ALA B 109 -10.72 -14.85 12.66
CA ALA B 109 -11.97 -14.20 12.21
C ALA B 109 -13.17 -15.11 12.51
N LEU B 110 -13.09 -16.41 12.28
CA LEU B 110 -14.25 -17.32 12.50
C LEU B 110 -14.59 -17.31 13.98
N HIS B 111 -13.56 -17.39 14.82
CA HIS B 111 -13.73 -17.45 16.28
C HIS B 111 -14.44 -16.17 16.73
N GLU B 112 -13.99 -15.01 16.25
CA GLU B 112 -14.50 -13.71 16.74
C GLU B 112 -15.93 -13.50 16.25
N LEU B 113 -16.18 -13.79 14.99
CA LEU B 113 -17.53 -13.62 14.38
C LEU B 113 -18.47 -14.56 15.11
N GLU B 114 -18.05 -15.80 15.36
CA GLU B 114 -18.96 -16.81 15.96
C GLU B 114 -19.29 -16.39 17.39
N SER B 115 -18.40 -15.62 18.03
CA SER B 115 -18.55 -15.10 19.40
C SER B 115 -19.63 -14.02 19.44
N LEU B 116 -19.92 -13.40 18.30
CA LEU B 116 -20.80 -12.21 18.25
C LEU B 116 -22.11 -12.56 17.56
N ALA B 117 -22.19 -13.69 16.86
CA ALA B 117 -23.36 -14.03 16.03
C ALA B 117 -24.55 -14.39 16.93
N ARG B 118 -25.77 -14.14 16.46
CA ARG B 118 -27.03 -14.44 17.20
C ARG B 118 -27.12 -15.97 17.31
N ASP B 119 -26.74 -16.63 16.23
CA ASP B 119 -26.99 -18.07 15.93
C ASP B 119 -25.64 -18.71 15.65
N PRO B 120 -25.41 -19.92 16.21
CA PRO B 120 -24.10 -20.57 16.14
C PRO B 120 -23.70 -20.98 14.72
N LYS B 121 -24.68 -21.33 13.89
CA LYS B 121 -24.48 -21.82 12.51
C LYS B 121 -24.44 -20.65 11.51
N ALA B 122 -24.85 -19.45 11.90
CA ALA B 122 -25.05 -18.33 10.94
C ALA B 122 -23.77 -18.02 10.16
N VAL B 123 -22.60 -18.05 10.80
CA VAL B 123 -21.31 -17.69 10.12
C VAL B 123 -20.98 -18.72 9.03
N THR B 124 -21.06 -20.01 9.34
CA THR B 124 -20.74 -21.08 8.37
C THR B 124 -21.88 -21.20 7.36
N ASP B 125 -23.13 -20.88 7.74
CA ASP B 125 -24.23 -20.91 6.75
C ASP B 125 -23.85 -19.91 5.65
N ILE B 126 -23.51 -18.69 6.05
CA ILE B 126 -23.28 -17.56 5.12
C ILE B 126 -22.04 -17.85 4.24
N LEU B 127 -20.99 -18.42 4.82
CA LEU B 127 -19.73 -18.70 4.10
C LEU B 127 -19.97 -19.85 3.13
N GLU B 128 -20.86 -20.78 3.47
CA GLU B 128 -21.08 -21.99 2.60
C GLU B 128 -22.05 -21.66 1.46
N GLN B 129 -23.10 -20.88 1.74
CA GLN B 129 -24.31 -20.68 0.88
C GLN B 129 -23.91 -20.40 -0.58
N ASP B 130 -22.96 -19.50 -0.81
CA ASP B 130 -22.56 -19.12 -2.19
C ASP B 130 -21.05 -19.31 -2.35
N ALA B 131 -20.45 -20.22 -1.57
CA ALA B 131 -19.03 -20.65 -1.74
C ALA B 131 -18.75 -21.07 -3.19
N VAL B 132 -19.61 -21.87 -3.81
CA VAL B 132 -19.35 -22.41 -5.19
C VAL B 132 -19.41 -21.25 -6.16
N HIS B 133 -20.37 -20.35 -5.99
CA HIS B 133 -20.55 -19.18 -6.89
C HIS B 133 -19.30 -18.31 -6.76
N LEU B 134 -18.81 -18.12 -5.54
CA LEU B 134 -17.60 -17.31 -5.28
C LEU B 134 -16.35 -18.00 -5.87
N CYS B 135 -16.11 -19.26 -5.52
CA CYS B 135 -14.83 -19.97 -5.80
C CYS B 135 -14.76 -20.36 -7.28
N GLY B 136 -15.83 -20.96 -7.82
CA GLY B 136 -16.00 -21.21 -9.26
C GLY B 136 -16.04 -19.92 -10.06
N GLY B 137 -16.68 -18.87 -9.54
CA GLY B 137 -16.63 -17.53 -10.16
C GLY B 137 -15.21 -17.05 -10.40
N GLN B 138 -14.35 -17.13 -9.37
CA GLN B 138 -12.94 -16.66 -9.49
C GLN B 138 -12.24 -17.50 -10.55
N ILE B 139 -12.48 -18.80 -10.52
CA ILE B 139 -11.79 -19.70 -11.49
C ILE B 139 -12.15 -19.28 -12.93
N ARG B 140 -13.41 -19.00 -13.21
CA ARG B 140 -13.92 -18.67 -14.58
C ARG B 140 -13.45 -17.26 -14.98
N THR B 141 -13.36 -16.34 -14.02
CA THR B 141 -12.82 -14.98 -14.25
C THR B 141 -11.43 -15.11 -14.88
N LYS B 142 -10.56 -15.95 -14.30
CA LYS B 142 -9.14 -16.12 -14.75
C LYS B 142 -9.07 -17.05 -15.97
N ARG B 143 -10.02 -17.98 -16.13
CA ARG B 143 -10.07 -18.99 -17.22
C ARG B 143 -10.50 -18.37 -18.57
N SER B 144 -11.52 -17.50 -18.57
CA SER B 144 -12.19 -16.87 -19.75
C SER B 144 -12.30 -15.34 -19.57
N ARG B 145 -11.26 -14.61 -20.02
CA ARG B 145 -11.12 -13.15 -19.89
C ARG B 145 -12.31 -12.46 -20.55
N ALA B 146 -12.90 -11.47 -19.86
CA ALA B 146 -14.06 -10.70 -20.35
C ALA B 146 -13.63 -9.91 -21.59
N THR B 147 -14.51 -9.80 -22.58
CA THR B 147 -14.25 -9.13 -23.89
C THR B 147 -15.31 -8.05 -24.13
N ASN B 148 -16.20 -7.83 -23.16
CA ASN B 148 -17.20 -6.73 -23.23
C ASN B 148 -17.73 -6.42 -21.84
N LEU B 149 -18.57 -5.41 -21.72
CA LEU B 149 -19.09 -4.99 -20.41
C LEU B 149 -19.92 -6.10 -19.74
N ARG B 150 -20.81 -6.79 -20.47
CA ARG B 150 -21.71 -7.79 -19.86
C ARG B 150 -20.85 -8.88 -19.20
N GLU B 151 -19.77 -9.28 -19.84
CA GLU B 151 -18.88 -10.38 -19.38
C GLU B 151 -18.09 -9.88 -18.17
N TRP B 152 -17.68 -8.62 -18.23
CA TRP B 152 -16.91 -7.96 -17.15
C TRP B 152 -17.76 -7.90 -15.89
N ARG B 153 -19.01 -7.48 -16.03
CA ARG B 153 -19.97 -7.36 -14.91
C ARG B 153 -20.28 -8.75 -14.32
N ALA B 154 -20.51 -9.77 -15.15
CA ALA B 154 -20.89 -11.12 -14.69
C ALA B 154 -19.72 -11.64 -13.82
N HIS B 155 -18.48 -11.47 -14.28
CA HIS B 155 -17.26 -11.88 -13.53
C HIS B 155 -17.16 -11.08 -12.23
N ALA B 156 -17.24 -9.75 -12.33
CA ALA B 156 -17.13 -8.80 -11.20
C ALA B 156 -18.21 -9.07 -10.14
N SER B 157 -19.37 -9.60 -10.51
CA SER B 157 -20.45 -9.90 -9.53
C SER B 157 -20.04 -11.05 -8.61
N THR B 158 -19.05 -11.86 -8.97
CA THR B 158 -18.55 -12.96 -8.09
C THR B 158 -17.42 -12.42 -7.19
N TYR B 159 -16.22 -12.16 -7.71
CA TYR B 159 -15.08 -11.84 -6.82
C TYR B 159 -15.23 -10.43 -6.22
N GLY B 160 -16.09 -9.56 -6.76
CA GLY B 160 -16.42 -8.27 -6.13
C GLY B 160 -17.67 -8.37 -5.26
N SER B 161 -18.84 -8.41 -5.89
CA SER B 161 -20.16 -8.24 -5.23
C SER B 161 -20.42 -9.38 -4.24
N THR B 162 -20.31 -10.63 -4.69
CA THR B 162 -20.62 -11.81 -3.84
C THR B 162 -19.61 -11.82 -2.68
N PHE B 163 -18.34 -11.60 -3.01
CA PHE B 163 -17.23 -11.51 -2.04
C PHE B 163 -17.61 -10.56 -0.90
N LEU B 164 -17.99 -9.32 -1.22
CA LEU B 164 -18.31 -8.34 -0.15
C LEU B 164 -19.75 -8.55 0.42
N GLY B 165 -20.72 -9.01 -0.37
CA GLY B 165 -22.07 -9.32 0.15
C GLY B 165 -22.02 -10.27 1.34
N ARG B 166 -21.13 -11.26 1.29
CA ARG B 166 -20.96 -12.26 2.37
C ARG B 166 -20.57 -11.51 3.65
N TYR B 167 -19.66 -10.53 3.56
CA TYR B 167 -19.23 -9.73 4.74
C TYR B 167 -20.38 -8.82 5.18
N GLY B 168 -21.21 -8.33 4.24
CA GLY B 168 -22.45 -7.63 4.58
C GLY B 168 -23.37 -8.53 5.41
N ALA B 169 -23.61 -9.74 4.96
CA ALA B 169 -24.51 -10.69 5.67
C ALA B 169 -23.89 -10.98 7.04
N LEU B 170 -22.57 -11.10 7.10
CA LEU B 170 -21.90 -11.43 8.40
C LEU B 170 -22.02 -10.25 9.37
N ALA B 171 -21.82 -9.03 8.87
CA ALA B 171 -22.06 -7.78 9.66
C ALA B 171 -23.50 -7.81 10.19
N ALA B 172 -24.50 -8.11 9.36
CA ALA B 172 -25.89 -8.20 9.87
C ALA B 172 -26.02 -9.32 10.92
N ALA B 173 -25.43 -10.50 10.69
CA ALA B 173 -25.64 -11.69 11.55
C ALA B 173 -25.03 -11.44 12.93
N CYS B 174 -23.96 -10.65 12.98
CA CYS B 174 -23.11 -10.45 14.19
C CYS B 174 -23.42 -9.08 14.80
N GLY B 175 -24.23 -8.27 14.12
CA GLY B 175 -24.41 -6.84 14.47
C GLY B 175 -25.58 -6.60 15.41
N GLY B 176 -26.06 -7.62 16.13
CA GLY B 176 -27.21 -7.54 17.08
C GLY B 176 -28.48 -7.02 16.43
N GLU B 177 -29.29 -6.25 17.14
CA GLU B 177 -30.69 -5.93 16.71
C GLU B 177 -30.73 -4.63 15.89
N GLY B 178 -31.72 -4.50 15.00
CA GLY B 178 -31.88 -3.34 14.10
C GLY B 178 -31.01 -3.43 12.85
N GLN B 179 -30.80 -4.65 12.34
CA GLN B 179 -29.95 -4.90 11.14
C GLN B 179 -30.88 -5.38 10.03
N PRO B 180 -31.13 -4.58 8.97
CA PRO B 180 -31.90 -5.03 7.82
C PRO B 180 -31.00 -5.87 6.90
N ALA B 181 -30.86 -7.15 7.24
CA ALA B 181 -29.91 -8.12 6.65
C ALA B 181 -29.80 -7.88 5.12
N ASP B 182 -30.91 -7.96 4.40
CA ASP B 182 -30.97 -7.86 2.92
C ASP B 182 -30.30 -6.58 2.42
N SER B 183 -30.52 -5.49 3.16
CA SER B 183 -30.14 -4.12 2.77
C SER B 183 -28.65 -3.96 3.05
N VAL B 184 -28.18 -4.46 4.20
CA VAL B 184 -26.73 -4.42 4.47
C VAL B 184 -26.03 -5.12 3.31
N ARG B 185 -26.59 -6.23 2.87
CA ARG B 185 -25.92 -7.05 1.84
C ARG B 185 -26.06 -6.34 0.49
N GLU B 186 -27.26 -5.85 0.16
CA GLU B 186 -27.47 -5.10 -1.10
C GLU B 186 -26.42 -3.96 -1.19
N PHE B 187 -26.25 -3.17 -0.15
CA PHE B 187 -25.23 -2.09 -0.07
C PHE B 187 -23.85 -2.66 -0.41
N ALA B 188 -23.49 -3.72 0.26
CA ALA B 188 -22.15 -4.33 0.13
C ALA B 188 -21.94 -4.68 -1.34
N GLU B 189 -22.95 -5.28 -1.97
CA GLU B 189 -22.76 -5.87 -3.33
C GLU B 189 -22.62 -4.74 -4.36
N ALA B 190 -23.41 -3.68 -4.20
CA ALA B 190 -23.34 -2.56 -5.16
C ALA B 190 -22.02 -1.83 -4.93
N PHE B 191 -21.71 -1.52 -3.68
CA PHE B 191 -20.48 -0.77 -3.32
C PHE B 191 -19.26 -1.55 -3.84
N ALA B 192 -19.27 -2.86 -3.64
CA ALA B 192 -18.10 -3.66 -4.03
C ALA B 192 -17.89 -3.50 -5.52
N MET B 193 -18.98 -3.39 -6.30
CA MET B 193 -18.78 -3.33 -7.76
C MET B 193 -18.21 -1.97 -8.14
N THR B 194 -18.64 -0.89 -7.50
CA THR B 194 -18.09 0.47 -7.70
C THR B 194 -16.59 0.42 -7.42
N ILE B 195 -16.18 -0.14 -6.28
CA ILE B 195 -14.74 -0.29 -5.91
C ILE B 195 -13.98 -1.12 -6.96
N THR B 196 -14.55 -2.24 -7.39
CA THR B 196 -13.90 -3.19 -8.32
C THR B 196 -13.61 -2.46 -9.63
N MET B 197 -14.55 -1.65 -10.11
CA MET B 197 -14.35 -0.82 -11.33
C MET B 197 -13.17 0.15 -11.09
N ALA B 198 -13.18 0.82 -9.95
CA ALA B 198 -12.11 1.72 -9.53
C ALA B 198 -10.76 1.00 -9.61
N ASP B 199 -10.68 -0.18 -9.00
CA ASP B 199 -9.41 -0.95 -8.93
C ASP B 199 -8.99 -1.28 -10.36
N ASP B 200 -9.89 -1.74 -11.22
CA ASP B 200 -9.53 -2.09 -12.62
C ASP B 200 -8.96 -0.85 -13.34
N LEU B 201 -9.61 0.30 -13.17
CA LEU B 201 -9.22 1.52 -13.89
C LEU B 201 -7.94 2.14 -13.32
N THR B 202 -7.50 1.72 -12.13
CA THR B 202 -6.27 2.20 -11.44
C THR B 202 -5.10 1.25 -11.74
N ASP B 203 -5.39 -0.05 -11.69
CA ASP B 203 -4.42 -1.18 -11.69
C ASP B 203 -4.04 -1.53 -13.13
N TYR B 204 -4.78 -1.02 -14.13
CA TYR B 204 -4.26 -0.87 -15.51
C TYR B 204 -2.79 -0.36 -15.51
N ASP B 205 -2.51 0.72 -14.78
CA ASP B 205 -1.17 1.36 -14.76
C ASP B 205 -0.39 0.99 -13.49
N ARG B 206 -1.02 1.00 -12.31
CA ARG B 206 -0.33 0.63 -11.03
C ARG B 206 0.30 -0.77 -11.17
N ASN B 207 -0.40 -1.73 -11.81
CA ASN B 207 -0.05 -3.18 -11.87
C ASN B 207 0.22 -3.68 -13.31
N GLY B 208 0.08 -2.84 -14.36
CA GLY B 208 0.23 -3.21 -15.78
C GLY B 208 -0.75 -4.28 -16.28
N GLU B 209 -2.00 -4.31 -15.76
CA GLU B 209 -3.03 -5.36 -16.07
C GLU B 209 -3.72 -5.06 -17.42
N ARG B 210 -3.89 -6.09 -18.26
CA ARG B 210 -4.53 -5.97 -19.62
C ARG B 210 -5.73 -6.94 -19.74
N ASP B 211 -5.50 -8.25 -19.72
CA ASP B 211 -6.53 -9.26 -20.11
C ASP B 211 -7.68 -9.26 -19.06
N GLY B 212 -8.91 -9.01 -19.51
CA GLY B 212 -10.13 -8.93 -18.68
C GLY B 212 -10.31 -7.61 -17.95
N ASN B 213 -9.37 -6.66 -18.14
CA ASN B 213 -9.29 -5.37 -17.40
C ASN B 213 -10.19 -4.34 -18.10
N LEU B 214 -11.04 -3.67 -17.33
CA LEU B 214 -12.12 -2.81 -17.86
C LEU B 214 -11.50 -1.64 -18.62
N ALA B 215 -10.35 -1.11 -18.15
CA ALA B 215 -9.65 0.05 -18.74
C ALA B 215 -9.15 -0.35 -20.13
N HIS B 216 -8.52 -1.51 -20.21
CA HIS B 216 -8.05 -2.10 -21.47
C HIS B 216 -9.23 -2.25 -22.43
N LEU B 217 -10.35 -2.83 -21.99
CA LEU B 217 -11.58 -2.96 -22.81
C LEU B 217 -12.08 -1.59 -23.29
N MET B 218 -11.96 -0.54 -22.48
CA MET B 218 -12.40 0.83 -22.88
C MET B 218 -11.45 1.39 -23.94
N ARG B 219 -10.14 1.39 -23.66
CA ARG B 219 -9.09 1.91 -24.58
C ARG B 219 -9.14 1.15 -25.92
N THR B 220 -9.46 -0.15 -25.87
CA THR B 220 -9.50 -1.09 -27.01
C THR B 220 -10.70 -0.78 -27.90
N GLY B 221 -11.76 -0.17 -27.37
CA GLY B 221 -13.04 0.00 -28.08
C GLY B 221 -14.11 -1.02 -27.71
N ALA B 222 -13.79 -2.05 -26.93
CA ALA B 222 -14.71 -3.19 -26.66
C ALA B 222 -15.85 -2.76 -25.72
N VAL B 223 -15.69 -1.62 -25.06
CA VAL B 223 -16.66 -1.12 -24.04
C VAL B 223 -16.70 0.40 -24.20
N ALA B 224 -17.91 0.94 -24.26
CA ALA B 224 -18.19 2.37 -24.49
C ALA B 224 -18.29 3.07 -23.13
N GLY B 225 -17.69 4.25 -23.03
CA GLY B 225 -17.67 5.08 -21.80
C GLY B 225 -19.07 5.30 -21.24
N GLN B 226 -20.08 5.51 -22.08
CA GLN B 226 -21.44 5.85 -21.59
C GLN B 226 -22.05 4.63 -20.88
N ASP B 227 -21.76 3.42 -21.36
CA ASP B 227 -22.19 2.17 -20.68
C ASP B 227 -21.53 2.09 -19.30
N VAL B 228 -20.28 2.55 -19.18
CA VAL B 228 -19.55 2.51 -17.88
C VAL B 228 -20.20 3.51 -16.93
N VAL B 229 -20.53 4.69 -17.42
CA VAL B 229 -21.19 5.78 -16.64
C VAL B 229 -22.55 5.28 -16.12
N ASP B 230 -23.28 4.56 -16.96
CA ASP B 230 -24.64 4.08 -16.65
C ASP B 230 -24.55 3.04 -15.53
N LEU B 231 -23.60 2.11 -15.65
CA LEU B 231 -23.35 1.08 -14.61
C LEU B 231 -23.03 1.77 -13.28
N LEU B 232 -22.11 2.74 -13.27
CA LEU B 232 -21.71 3.49 -12.04
C LEU B 232 -22.96 4.13 -11.42
N GLU B 233 -23.84 4.69 -12.26
CA GLU B 233 -25.07 5.42 -11.80
C GLU B 233 -26.08 4.40 -11.26
N GLU B 234 -26.19 3.24 -11.89
CA GLU B 234 -27.01 2.12 -11.39
C GLU B 234 -26.50 1.66 -10.00
N LEU B 235 -25.18 1.49 -9.87
CA LEU B 235 -24.56 1.03 -8.59
C LEU B 235 -24.73 2.12 -7.51
N ARG B 236 -24.64 3.38 -7.91
CA ARG B 236 -24.84 4.50 -6.95
C ARG B 236 -26.28 4.42 -6.43
N GLY B 237 -27.26 4.31 -7.34
CA GLY B 237 -28.69 4.24 -6.96
C GLY B 237 -28.99 2.99 -6.15
N ARG B 238 -28.36 1.84 -6.47
CA ARG B 238 -28.60 0.59 -5.68
C ARG B 238 -28.09 0.79 -4.27
N ALA B 239 -26.90 1.36 -4.11
CA ALA B 239 -26.31 1.54 -2.76
C ALA B 239 -27.13 2.57 -1.98
N LEU B 240 -27.51 3.68 -2.62
CA LEU B 240 -28.36 4.72 -1.95
C LEU B 240 -29.68 4.09 -1.46
N ALA B 241 -30.33 3.23 -2.27
CA ALA B 241 -31.61 2.59 -1.87
C ALA B 241 -31.38 1.70 -0.64
N ALA B 242 -30.24 1.00 -0.57
CA ALA B 242 -30.01 -0.03 0.48
C ALA B 242 -29.88 0.70 1.82
N VAL B 243 -29.28 1.88 1.78
CA VAL B 243 -28.88 2.67 2.98
C VAL B 243 -30.07 3.50 3.48
N ALA B 244 -31.06 3.74 2.61
CA ALA B 244 -32.34 4.39 2.97
C ALA B 244 -33.32 3.38 3.58
N ALA B 245 -33.14 2.06 3.47
CA ALA B 245 -34.13 1.10 4.05
C ALA B 245 -34.12 1.24 5.58
N PRO B 246 -35.29 1.36 6.23
CA PRO B 246 -35.34 1.54 7.68
C PRO B 246 -34.71 0.36 8.40
N PRO B 247 -33.98 0.57 9.53
CA PRO B 247 -33.86 1.87 10.19
C PRO B 247 -32.82 2.87 9.63
N GLY B 248 -32.18 2.53 8.51
CA GLY B 248 -31.41 3.51 7.72
C GLY B 248 -29.95 3.60 8.16
N ALA B 249 -29.05 3.86 7.22
CA ALA B 249 -27.64 4.18 7.54
C ALA B 249 -27.24 5.44 6.78
N PRO B 250 -27.78 6.62 7.16
CA PRO B 250 -27.67 7.81 6.31
C PRO B 250 -26.21 8.29 6.23
N GLY B 251 -25.39 7.94 7.23
CA GLY B 251 -23.94 8.20 7.24
C GLY B 251 -23.24 7.64 5.99
N LEU B 252 -23.81 6.60 5.39
CA LEU B 252 -23.16 5.96 4.21
C LEU B 252 -23.47 6.71 2.92
N VAL B 253 -24.40 7.66 2.94
CA VAL B 253 -24.79 8.40 1.70
C VAL B 253 -23.59 9.17 1.11
N PRO B 254 -22.83 9.97 1.87
CA PRO B 254 -21.69 10.69 1.31
C PRO B 254 -20.59 9.73 0.86
N VAL B 255 -20.43 8.60 1.53
CA VAL B 255 -19.43 7.56 1.16
C VAL B 255 -19.76 7.07 -0.24
N VAL B 256 -21.03 6.78 -0.50
CA VAL B 256 -21.49 6.27 -1.81
C VAL B 256 -21.15 7.30 -2.89
N HIS B 257 -21.53 8.56 -2.66
CA HIS B 257 -21.24 9.63 -3.64
C HIS B 257 -19.73 9.77 -3.84
N LEU B 258 -18.97 9.75 -2.75
CA LEU B 258 -17.51 9.93 -2.86
C LEU B 258 -16.87 8.90 -3.79
N TYR B 259 -17.19 7.63 -3.62
CA TYR B 259 -16.54 6.58 -4.43
C TYR B 259 -17.02 6.60 -5.87
N THR B 260 -18.32 6.78 -6.09
CA THR B 260 -18.84 6.82 -7.47
C THR B 260 -18.26 8.03 -8.20
N ASP B 261 -18.38 9.22 -7.62
CA ASP B 261 -17.89 10.48 -8.23
C ASP B 261 -16.40 10.37 -8.54
N ASP B 262 -15.62 9.81 -7.64
CA ASP B 262 -14.16 9.63 -7.86
C ASP B 262 -13.95 8.82 -9.14
N VAL B 263 -14.72 7.79 -9.39
CA VAL B 263 -14.53 7.02 -10.65
C VAL B 263 -14.91 7.91 -11.83
N LEU B 264 -16.04 8.62 -11.74
CA LEU B 264 -16.56 9.44 -12.86
C LEU B 264 -15.57 10.56 -13.17
N VAL B 265 -15.07 11.25 -12.15
CA VAL B 265 -14.33 12.52 -12.29
C VAL B 265 -12.85 12.23 -12.51
N ARG B 266 -12.26 11.31 -11.76
CA ARG B 266 -10.79 11.13 -11.71
C ARG B 266 -10.38 10.01 -12.66
N LEU B 267 -11.00 8.84 -12.61
CA LEU B 267 -10.43 7.65 -13.29
C LEU B 267 -10.94 7.48 -14.72
N LEU B 268 -12.25 7.67 -14.96
CA LEU B 268 -12.83 7.36 -16.29
C LEU B 268 -12.07 8.16 -17.34
N PRO B 269 -11.87 9.48 -17.12
CA PRO B 269 -11.23 10.33 -18.11
C PRO B 269 -9.83 9.87 -18.53
N ARG B 270 -9.20 9.01 -17.75
CA ARG B 270 -7.83 8.55 -18.11
C ARG B 270 -7.93 7.53 -19.24
N HIS B 271 -9.11 6.96 -19.45
CA HIS B 271 -9.27 5.88 -20.45
C HIS B 271 -10.21 6.30 -21.58
N LEU B 272 -10.64 7.55 -21.62
CA LEU B 272 -11.58 8.01 -22.68
C LEU B 272 -10.91 9.04 -23.58
N GLY B 273 -10.62 10.23 -23.09
CA GLY B 273 -10.00 11.20 -24.01
C GLY B 273 -10.77 12.50 -24.08
N GLU B 274 -10.39 13.37 -25.02
CA GLU B 274 -10.99 14.73 -25.10
C GLU B 274 -12.51 14.67 -25.13
N ALA B 275 -13.08 13.84 -25.99
CA ALA B 275 -14.56 13.75 -26.13
C ALA B 275 -15.23 13.26 -24.84
N GLY B 276 -14.64 12.28 -24.16
CA GLY B 276 -15.29 11.77 -22.93
C GLY B 276 -16.30 10.71 -23.29
N ALA B 277 -17.35 10.56 -22.48
CA ALA B 277 -18.38 9.53 -22.73
C ALA B 277 -19.65 10.19 -23.25
N GLY B 278 -20.43 9.46 -24.05
CA GLY B 278 -21.69 10.01 -24.56
C GLY B 278 -21.52 10.80 -25.85
N ALA B 279 -22.63 11.23 -26.43
CA ALA B 279 -22.58 11.95 -27.71
C ALA B 279 -22.23 13.42 -27.47
N MET B 280 -21.57 14.03 -28.44
CA MET B 280 -21.22 15.46 -28.39
C MET B 280 -22.51 16.27 -28.25
N ALA B 281 -22.56 17.13 -27.23
CA ALA B 281 -23.73 17.98 -26.90
C ALA B 281 -23.99 19.00 -28.03
N THR B 282 -25.25 19.40 -28.21
CA THR B 282 -25.65 20.35 -29.28
C THR B 282 -26.54 21.47 -28.73
N VAL B 283 -26.63 22.55 -29.50
CA VAL B 283 -27.56 23.71 -29.30
C VAL B 283 -28.58 23.71 -30.46
N LYS B 284 -29.87 23.60 -30.13
CA LYS B 284 -30.95 23.70 -31.14
C LYS B 284 -31.49 25.14 -31.10
N PHE B 285 -31.67 25.76 -32.27
CA PHE B 285 -32.28 27.10 -32.43
C PHE B 285 -32.80 27.27 -33.87
N LYS B 286 -33.72 28.22 -34.07
CA LYS B 286 -34.13 28.72 -35.41
C LYS B 286 -33.26 29.95 -35.74
N TYR B 287 -33.11 30.27 -37.03
CA TYR B 287 -32.16 31.32 -37.52
C TYR B 287 -32.33 31.51 -39.03
N LYS B 288 -32.82 32.68 -39.44
CA LYS B 288 -33.25 33.01 -40.84
C LYS B 288 -34.31 32.01 -41.32
N GLY B 289 -35.06 31.35 -40.43
CA GLY B 289 -36.23 30.51 -40.79
C GLY B 289 -35.92 29.03 -40.83
N GLU B 290 -34.64 28.64 -40.80
CA GLU B 290 -34.17 27.22 -40.93
C GLU B 290 -34.17 26.59 -39.53
N GLU B 291 -34.36 25.27 -39.42
CA GLU B 291 -34.01 24.46 -38.23
C GLU B 291 -32.48 24.36 -38.15
N LYS B 292 -31.88 24.67 -37.00
CA LYS B 292 -30.39 24.64 -36.87
C LYS B 292 -30.02 23.91 -35.58
N GLU B 293 -28.85 23.28 -35.60
CA GLU B 293 -28.31 22.43 -34.51
C GLU B 293 -26.79 22.43 -34.69
N VAL B 294 -26.06 22.99 -33.74
CA VAL B 294 -24.58 23.10 -33.80
C VAL B 294 -23.98 22.31 -32.63
N ASP B 295 -22.80 21.71 -32.88
CA ASP B 295 -22.01 20.93 -31.90
C ASP B 295 -21.33 21.91 -30.95
N ILE B 296 -21.38 21.67 -29.65
CA ILE B 296 -20.71 22.53 -28.63
C ILE B 296 -19.25 22.76 -29.05
N SER B 297 -18.68 21.85 -29.85
CA SER B 297 -17.27 21.92 -30.33
C SER B 297 -17.07 23.07 -31.34
N LYS B 298 -18.09 23.46 -32.09
CA LYS B 298 -18.00 24.52 -33.14
C LYS B 298 -18.25 25.93 -32.56
N ILE B 299 -18.75 26.02 -31.32
CA ILE B 299 -19.12 27.30 -30.62
C ILE B 299 -17.84 28.06 -30.20
N LYS B 300 -17.76 29.35 -30.54
CA LYS B 300 -16.64 30.29 -30.23
C LYS B 300 -17.00 31.22 -29.05
N LYS B 301 -17.75 32.32 -29.29
CA LYS B 301 -18.07 33.30 -28.22
C LYS B 301 -19.46 32.97 -27.67
N VAL B 302 -19.66 33.16 -26.35
CA VAL B 302 -21.02 33.03 -25.74
C VAL B 302 -21.19 34.07 -24.62
N TRP B 303 -22.34 34.75 -24.60
CA TRP B 303 -22.59 35.87 -23.66
C TRP B 303 -24.09 35.95 -23.34
N ARG B 304 -24.44 36.55 -22.22
CA ARG B 304 -25.82 36.60 -21.70
C ARG B 304 -26.39 38.00 -21.97
N VAL B 305 -27.66 38.06 -22.38
CA VAL B 305 -28.50 39.29 -22.39
C VAL B 305 -29.84 38.91 -21.75
N GLY B 306 -30.07 39.34 -20.50
CA GLY B 306 -31.23 38.92 -19.69
C GLY B 306 -31.26 37.39 -19.55
N LYS B 307 -32.32 36.74 -20.03
CA LYS B 307 -32.44 35.26 -19.96
C LYS B 307 -32.10 34.66 -21.32
N MET B 308 -31.58 35.46 -22.26
CA MET B 308 -31.08 34.96 -23.58
C MET B 308 -29.57 34.70 -23.53
N ILE B 309 -29.18 33.65 -24.22
CA ILE B 309 -27.78 33.28 -24.48
C ILE B 309 -27.55 33.46 -25.96
N SER B 310 -26.65 34.38 -26.30
CA SER B 310 -26.23 34.77 -27.65
C SER B 310 -24.83 34.19 -27.89
N PHE B 311 -24.52 33.80 -29.11
CA PHE B 311 -23.28 33.02 -29.42
C PHE B 311 -22.97 33.09 -30.90
N THR B 312 -21.72 32.76 -31.21
CA THR B 312 -21.16 32.59 -32.58
C THR B 312 -20.59 31.16 -32.70
N TYR B 313 -20.42 30.66 -33.94
CA TYR B 313 -19.91 29.30 -34.23
C TYR B 313 -19.18 29.25 -35.58
N ASP B 314 -18.26 28.29 -35.73
CA ASP B 314 -17.64 27.82 -37.01
C ASP B 314 -18.73 27.17 -37.88
N GLU B 315 -19.03 27.77 -39.05
CA GLU B 315 -20.09 27.34 -40.00
C GLU B 315 -19.46 26.64 -41.21
N GLY B 316 -18.12 26.54 -41.26
CA GLY B 316 -17.33 25.97 -42.37
C GLY B 316 -16.52 27.02 -43.13
N GLY B 317 -15.19 26.91 -43.09
CA GLY B 317 -14.24 27.79 -43.81
C GLY B 317 -13.82 28.97 -42.95
N GLY B 318 -13.86 30.18 -43.52
CA GLY B 318 -13.78 31.45 -42.77
C GLY B 318 -15.10 31.76 -42.09
N LYS B 319 -16.20 31.19 -42.60
CA LYS B 319 -17.62 31.56 -42.31
C LYS B 319 -17.93 31.44 -40.80
N THR B 320 -18.42 32.52 -40.19
CA THR B 320 -18.87 32.56 -38.76
C THR B 320 -20.39 32.71 -38.71
N GLY B 321 -21.06 31.82 -37.98
CA GLY B 321 -22.54 31.84 -37.80
C GLY B 321 -22.95 32.53 -36.50
N ARG B 322 -24.23 32.89 -36.38
CA ARG B 322 -24.78 33.66 -35.24
C ARG B 322 -26.00 32.92 -34.71
N GLY B 323 -26.20 32.91 -33.39
CA GLY B 323 -27.48 32.49 -32.82
C GLY B 323 -27.71 33.03 -31.44
N ALA B 324 -28.93 32.86 -30.94
CA ALA B 324 -29.32 33.11 -29.53
C ALA B 324 -30.42 32.12 -29.15
N VAL B 325 -30.35 31.61 -27.93
CA VAL B 325 -31.42 30.74 -27.35
C VAL B 325 -31.75 31.27 -25.97
N SER B 326 -32.96 31.01 -25.50
CA SER B 326 -33.36 31.02 -24.07
C SER B 326 -32.39 30.16 -23.22
N GLU B 327 -32.02 30.62 -22.03
CA GLU B 327 -31.22 29.84 -21.05
C GLU B 327 -31.94 28.53 -20.70
N LYS B 328 -33.26 28.47 -20.90
CA LYS B 328 -34.10 27.27 -20.64
C LYS B 328 -33.81 26.19 -21.70
N ASP B 329 -33.34 26.56 -22.90
CA ASP B 329 -33.11 25.63 -24.03
C ASP B 329 -31.61 25.54 -24.36
N ALA B 330 -30.77 26.07 -23.50
CA ALA B 330 -29.29 25.97 -23.59
C ALA B 330 -28.85 24.71 -22.85
N PRO B 331 -28.05 23.83 -23.49
CA PRO B 331 -27.46 22.70 -22.78
C PRO B 331 -26.48 23.22 -21.73
N LYS B 332 -26.24 22.44 -20.66
CA LYS B 332 -25.30 22.77 -19.55
C LYS B 332 -23.94 23.19 -20.13
N GLU B 333 -23.51 22.56 -21.22
CA GLU B 333 -22.16 22.72 -21.83
C GLU B 333 -22.01 24.15 -22.39
N LEU B 334 -23.11 24.77 -22.85
CA LEU B 334 -23.11 26.17 -23.37
C LEU B 334 -23.03 27.14 -22.19
N LEU B 335 -23.88 26.92 -21.18
CA LEU B 335 -23.94 27.70 -19.92
C LEU B 335 -22.60 27.61 -19.19
N GLN B 336 -21.89 26.50 -19.36
CA GLN B 336 -20.53 26.32 -18.78
C GLN B 336 -19.56 27.28 -19.47
N MET B 337 -19.65 27.45 -20.80
CA MET B 337 -18.73 28.33 -21.58
C MET B 337 -19.04 29.79 -21.24
N LEU B 338 -20.33 30.11 -21.05
CA LEU B 338 -20.81 31.39 -20.46
C LEU B 338 -19.92 31.74 -19.27
N GLU B 339 -19.93 30.86 -18.24
CA GLU B 339 -19.25 31.03 -16.92
C GLU B 339 -17.73 31.18 -17.14
N LYS B 340 -17.19 30.55 -18.18
CA LYS B 340 -15.73 30.47 -18.46
C LYS B 340 -15.32 31.49 -19.53
N GLN B 341 -16.12 32.54 -19.78
CA GLN B 341 -15.82 33.61 -20.80
C GLN B 341 -16.14 35.02 -20.28
N ASP C 12 28.09 27.73 -29.14
CA ASP C 12 28.09 26.24 -29.08
C ASP C 12 29.27 25.76 -28.23
N ASP C 13 30.46 26.33 -28.39
CA ASP C 13 31.56 26.07 -27.41
C ASP C 13 31.17 26.71 -26.07
N LYS C 14 30.47 27.85 -26.07
CA LYS C 14 30.08 28.57 -24.82
C LYS C 14 28.97 27.78 -24.11
N MET C 15 28.00 27.29 -24.87
CA MET C 15 26.95 26.38 -24.40
C MET C 15 27.58 25.11 -23.80
N LEU C 16 28.57 24.49 -24.46
CA LEU C 16 29.20 23.21 -24.02
C LEU C 16 29.90 23.42 -22.69
N ALA C 17 30.57 24.56 -22.54
CA ALA C 17 31.25 24.97 -21.29
C ALA C 17 30.20 25.19 -20.18
N ALA C 18 29.06 25.77 -20.54
CA ALA C 18 27.92 26.01 -19.62
C ALA C 18 27.41 24.65 -19.12
N GLU C 19 27.14 23.76 -20.06
CA GLU C 19 26.68 22.37 -19.82
C GLU C 19 27.67 21.66 -18.87
N ALA C 20 28.98 21.80 -19.09
CA ALA C 20 30.04 21.12 -18.30
C ALA C 20 30.10 21.73 -16.89
N ALA C 21 30.05 23.05 -16.79
CA ALA C 21 29.96 23.77 -15.51
C ALA C 21 28.72 23.28 -14.71
N ASN C 22 27.57 23.18 -15.36
CA ASN C 22 26.32 22.76 -14.68
C ASN C 22 26.44 21.29 -14.30
N ARG C 23 27.04 20.47 -15.18
CA ARG C 23 27.34 19.03 -14.93
C ARG C 23 28.23 18.92 -13.70
N ASP C 24 29.27 19.73 -13.62
CA ASP C 24 30.24 19.69 -12.50
C ASP C 24 29.54 20.07 -11.18
N HIS C 25 28.73 21.13 -11.12
CA HIS C 25 28.05 21.56 -9.87
C HIS C 25 27.04 20.47 -9.44
N VAL C 26 26.34 19.85 -10.37
CA VAL C 26 25.31 18.85 -10.02
C VAL C 26 26.01 17.60 -9.47
N THR C 27 27.05 17.12 -10.15
CA THR C 27 27.74 15.85 -9.77
C THR C 27 28.46 16.02 -8.45
N ARG C 28 29.02 17.19 -8.16
CA ARG C 28 29.68 17.41 -6.85
C ARG C 28 28.63 17.28 -5.74
N CYS C 29 27.51 17.96 -5.94
CA CYS C 29 26.38 17.96 -4.99
C CYS C 29 25.85 16.52 -4.81
N VAL C 30 25.73 15.73 -5.87
CA VAL C 30 25.33 14.29 -5.73
C VAL C 30 26.38 13.54 -4.89
N ALA C 31 27.65 13.59 -5.28
CA ALA C 31 28.74 12.85 -4.57
C ALA C 31 28.77 13.32 -3.11
N GLN C 32 28.64 14.61 -2.83
CA GLN C 32 28.79 15.09 -1.43
C GLN C 32 27.66 14.47 -0.57
N THR C 33 26.45 14.26 -1.10
CA THR C 33 25.35 13.70 -0.29
C THR C 33 25.40 12.16 -0.28
N GLY C 34 26.41 11.54 -0.89
CA GLY C 34 26.65 10.09 -0.74
C GLY C 34 26.11 9.27 -1.92
N GLY C 35 25.95 9.93 -3.06
CA GLY C 35 25.44 9.30 -4.30
C GLY C 35 26.41 8.28 -4.82
N SER C 36 25.90 7.18 -5.37
CA SER C 36 26.70 6.11 -5.99
C SER C 36 27.36 6.63 -7.26
N PRO C 37 28.45 5.98 -7.73
CA PRO C 37 28.94 6.18 -9.10
C PRO C 37 27.87 6.06 -10.20
N ASP C 38 26.89 5.16 -10.02
CA ASP C 38 25.76 5.01 -10.98
C ASP C 38 24.92 6.29 -10.94
N LEU C 39 24.67 6.85 -9.74
CA LEU C 39 23.76 8.00 -9.66
C LEU C 39 24.49 9.24 -10.19
N VAL C 40 25.79 9.37 -9.92
CA VAL C 40 26.64 10.44 -10.52
C VAL C 40 26.64 10.32 -12.06
N ALA C 41 26.82 9.12 -12.62
CA ALA C 41 26.81 8.90 -14.10
C ALA C 41 25.42 9.20 -14.66
N HIS C 42 24.35 8.77 -14.00
CA HIS C 42 22.95 9.03 -14.45
C HIS C 42 22.70 10.54 -14.55
N THR C 43 23.13 11.26 -13.54
CA THR C 43 22.92 12.74 -13.40
C THR C 43 23.75 13.48 -14.47
N ALA C 44 25.02 13.09 -14.67
CA ALA C 44 25.95 13.65 -15.67
C ALA C 44 25.41 13.44 -17.08
N ALA C 45 24.62 12.38 -17.30
CA ALA C 45 24.15 11.95 -18.63
C ALA C 45 22.98 12.83 -19.06
N LEU C 46 22.41 13.64 -18.17
CA LEU C 46 21.16 14.39 -18.51
C LEU C 46 21.53 15.67 -19.27
N ARG C 47 22.10 15.51 -20.47
CA ARG C 47 22.72 16.59 -21.30
C ARG C 47 21.78 17.78 -21.39
N LEU C 48 20.55 17.52 -21.81
CA LEU C 48 19.56 18.58 -22.15
C LEU C 48 19.12 19.28 -20.88
N TYR C 49 18.96 18.55 -19.78
CA TYR C 49 18.58 19.11 -18.48
C TYR C 49 19.70 20.04 -18.00
N LEU C 50 20.97 19.70 -18.25
CA LEU C 50 22.12 20.47 -17.74
C LEU C 50 22.37 21.67 -18.64
N ARG C 51 22.00 21.56 -19.93
CA ARG C 51 22.27 22.60 -20.96
C ARG C 51 21.15 23.63 -21.00
N VAL C 52 19.90 23.23 -20.78
CA VAL C 52 18.76 24.15 -21.04
C VAL C 52 18.85 25.40 -20.15
N PRO C 53 19.40 25.37 -18.92
CA PRO C 53 19.50 26.59 -18.13
C PRO C 53 20.35 27.68 -18.80
N HIS C 54 21.31 27.29 -19.62
CA HIS C 54 22.13 28.21 -20.46
C HIS C 54 21.22 29.03 -21.39
N PHE C 55 20.26 28.36 -22.01
CA PHE C 55 19.27 28.99 -22.90
C PHE C 55 18.36 29.91 -22.07
N LEU C 56 17.89 29.47 -20.90
CA LEU C 56 16.90 30.24 -20.07
C LEU C 56 17.55 31.51 -19.54
N THR C 57 18.87 31.50 -19.38
CA THR C 57 19.59 32.62 -18.74
C THR C 57 20.26 33.51 -19.80
N GLU C 58 19.94 33.37 -21.10
CA GLU C 58 20.59 34.14 -22.21
C GLU C 58 20.36 35.67 -22.02
N TRP C 59 19.29 36.07 -21.33
CA TRP C 59 18.92 37.48 -21.05
C TRP C 59 19.80 38.09 -19.94
N THR C 60 20.59 37.28 -19.25
CA THR C 60 21.35 37.74 -18.07
C THR C 60 22.75 38.19 -18.53
N THR C 61 23.10 39.46 -18.34
CA THR C 61 24.23 40.17 -19.03
C THR C 61 25.50 40.08 -18.18
N ASP C 62 25.36 40.04 -16.87
CA ASP C 62 26.52 39.80 -15.98
C ASP C 62 26.88 38.31 -16.03
N PRO C 63 28.07 37.89 -16.52
CA PRO C 63 28.43 36.47 -16.63
C PRO C 63 28.59 35.67 -15.32
N ASP C 64 28.91 36.29 -14.18
CA ASP C 64 28.93 35.58 -12.87
C ASP C 64 27.50 35.29 -12.41
N ARG C 65 26.58 36.25 -12.53
CA ARG C 65 25.15 36.06 -12.18
C ARG C 65 24.59 34.99 -13.12
N ARG C 66 24.87 35.07 -14.43
CA ARG C 66 24.35 34.14 -15.45
C ARG C 66 24.73 32.70 -15.08
N ALA C 67 26.00 32.47 -14.75
CA ALA C 67 26.56 31.13 -14.45
C ALA C 67 25.94 30.61 -13.16
N ALA C 68 25.69 31.49 -12.19
CA ALA C 68 25.15 31.15 -10.85
C ALA C 68 23.70 30.73 -11.01
N VAL C 69 22.93 31.49 -11.79
CA VAL C 69 21.51 31.19 -12.08
C VAL C 69 21.43 29.87 -12.88
N SER C 70 22.27 29.72 -13.91
CA SER C 70 22.28 28.54 -14.80
C SER C 70 22.48 27.27 -13.94
N ARG C 71 23.44 27.28 -13.04
CA ARG C 71 23.74 26.08 -12.24
C ARG C 71 22.71 25.86 -11.11
N ALA C 72 22.06 26.90 -10.56
CA ALA C 72 20.97 26.77 -9.55
C ALA C 72 19.77 26.12 -10.21
N LEU C 73 19.46 26.52 -11.44
CA LEU C 73 18.34 25.94 -12.20
C LEU C 73 18.64 24.47 -12.51
N ALA C 74 19.88 24.16 -12.87
CA ALA C 74 20.30 22.79 -13.22
C ALA C 74 20.06 21.89 -12.00
N LEU C 75 20.44 22.33 -10.79
CA LEU C 75 20.17 21.56 -9.56
C LEU C 75 18.69 21.15 -9.51
N ASP C 76 17.76 22.11 -9.63
CA ASP C 76 16.33 21.79 -9.42
C ASP C 76 15.77 21.01 -10.61
N ILE C 77 16.20 21.28 -11.84
CA ILE C 77 15.68 20.55 -13.01
C ILE C 77 16.12 19.09 -12.84
N VAL C 78 17.38 18.83 -12.49
CA VAL C 78 17.88 17.45 -12.28
C VAL C 78 17.14 16.81 -11.12
N SER C 79 16.92 17.55 -10.04
CA SER C 79 16.16 17.08 -8.86
C SER C 79 14.80 16.58 -9.35
N MET C 80 14.10 17.37 -10.16
CA MET C 80 12.73 16.98 -10.60
C MET C 80 12.79 15.78 -11.55
N LYS C 81 13.90 15.62 -12.28
CA LYS C 81 14.10 14.46 -13.16
C LYS C 81 14.28 13.22 -12.28
N LEU C 82 15.04 13.36 -11.19
CA LEU C 82 15.22 12.26 -10.23
C LEU C 82 13.86 11.91 -9.61
N LEU C 83 13.00 12.88 -9.27
CA LEU C 83 11.64 12.59 -8.75
C LEU C 83 10.86 11.82 -9.82
N ASP C 84 10.97 12.24 -11.07
CA ASP C 84 10.33 11.51 -12.19
C ASP C 84 10.84 10.06 -12.26
N ASP C 85 12.13 9.81 -12.07
CA ASP C 85 12.70 8.45 -12.08
C ASP C 85 12.13 7.61 -10.92
N LEU C 86 11.88 8.22 -9.78
CA LEU C 86 11.30 7.59 -8.57
C LEU C 86 9.82 7.21 -8.82
N MET C 87 9.07 7.99 -9.58
CA MET C 87 7.69 7.62 -9.98
C MET C 87 7.72 6.34 -10.82
N ASP C 88 8.60 6.31 -11.82
CA ASP C 88 8.63 5.30 -12.90
C ASP C 88 9.18 4.01 -12.31
N ASP C 89 10.11 4.14 -11.36
CA ASP C 89 10.79 3.05 -10.61
C ASP C 89 11.43 2.06 -11.60
N ASP C 90 12.05 2.54 -12.67
CA ASP C 90 12.51 1.67 -13.78
C ASP C 90 13.96 1.99 -14.16
N THR C 91 14.73 2.68 -13.31
CA THR C 91 16.10 3.13 -13.65
C THR C 91 17.15 2.12 -13.18
N GLY C 92 16.78 1.23 -12.26
CA GLY C 92 17.71 0.27 -11.65
C GLY C 92 18.42 0.92 -10.48
N LEU C 93 18.35 2.22 -10.34
CA LEU C 93 19.01 2.92 -9.21
C LEU C 93 18.24 2.59 -7.91
N ASP C 94 18.96 2.54 -6.80
CA ASP C 94 18.41 2.43 -5.44
C ASP C 94 17.46 3.61 -5.20
N ARG C 95 16.18 3.34 -4.95
CA ARG C 95 15.16 4.37 -4.63
C ARG C 95 15.66 5.27 -3.49
N VAL C 96 16.32 4.70 -2.49
CA VAL C 96 16.73 5.47 -1.29
C VAL C 96 17.62 6.63 -1.74
N GLU C 97 18.65 6.38 -2.54
CA GLU C 97 19.59 7.45 -2.93
C GLU C 97 18.89 8.37 -3.92
N LEU C 98 18.03 7.85 -4.80
CA LEU C 98 17.24 8.72 -5.72
C LEU C 98 16.49 9.75 -4.87
N ALA C 99 15.72 9.29 -3.88
CA ALA C 99 14.84 10.15 -3.06
C ALA C 99 15.71 11.15 -2.28
N CYS C 100 16.77 10.68 -1.61
CA CYS C 100 17.60 11.50 -0.71
C CYS C 100 18.43 12.49 -1.55
N VAL C 101 18.93 12.08 -2.70
CA VAL C 101 19.67 13.02 -3.57
C VAL C 101 18.68 14.01 -4.22
N CYS C 102 17.50 13.55 -4.63
CA CYS C 102 16.43 14.42 -5.18
C CYS C 102 16.23 15.58 -4.22
N LEU C 103 15.93 15.27 -2.97
CA LEU C 103 15.63 16.31 -1.96
C LEU C 103 16.85 17.24 -1.78
N ARG C 104 18.04 16.68 -1.59
CA ARG C 104 19.26 17.47 -1.35
C ARG C 104 19.44 18.49 -2.47
N LEU C 105 19.42 18.04 -3.72
CA LEU C 105 19.60 18.91 -4.91
C LEU C 105 18.55 20.02 -4.91
N HIS C 106 17.31 19.68 -4.62
CA HIS C 106 16.20 20.66 -4.62
C HIS C 106 16.41 21.69 -3.52
N LEU C 107 16.78 21.28 -2.32
CA LEU C 107 16.98 22.23 -1.22
C LEU C 107 18.16 23.16 -1.55
N ARG C 108 19.21 22.64 -2.18
CA ARG C 108 20.35 23.49 -2.58
C ARG C 108 19.87 24.46 -3.67
N ALA C 109 19.05 23.99 -4.59
CA ALA C 109 18.51 24.87 -5.64
C ALA C 109 17.70 26.00 -4.98
N LEU C 110 16.82 25.70 -4.04
CA LEU C 110 16.02 26.75 -3.38
C LEU C 110 16.98 27.79 -2.77
N HIS C 111 17.99 27.32 -2.06
CA HIS C 111 18.96 28.24 -1.41
C HIS C 111 19.69 29.09 -2.45
N GLU C 112 20.17 28.49 -3.53
CA GLU C 112 20.93 29.27 -4.51
C GLU C 112 20.04 30.28 -5.24
N LEU C 113 18.83 29.89 -5.62
CA LEU C 113 17.92 30.77 -6.40
C LEU C 113 17.57 31.97 -5.51
N GLU C 114 17.27 31.73 -4.23
CA GLU C 114 16.75 32.76 -3.30
C GLU C 114 17.90 33.72 -2.98
N SER C 115 19.16 33.26 -3.09
CA SER C 115 20.34 34.12 -2.83
C SER C 115 20.53 35.07 -4.02
N LEU C 116 19.93 34.77 -5.19
CA LEU C 116 20.16 35.56 -6.42
C LEU C 116 18.94 36.41 -6.73
N ALA C 117 17.75 36.01 -6.27
CA ALA C 117 16.50 36.77 -6.55
C ALA C 117 16.62 38.16 -5.91
N ARG C 118 16.13 39.17 -6.65
CA ARG C 118 15.94 40.53 -6.09
C ARG C 118 15.01 40.37 -4.89
N ASP C 119 13.99 39.53 -5.03
CA ASP C 119 13.02 39.25 -3.94
C ASP C 119 12.96 37.76 -3.69
N PRO C 120 13.58 37.22 -2.61
CA PRO C 120 13.61 35.77 -2.38
C PRO C 120 12.21 35.16 -2.58
N LYS C 121 11.16 35.88 -2.13
CA LYS C 121 9.75 35.47 -2.20
C LYS C 121 9.32 35.09 -3.61
N ALA C 122 9.89 35.72 -4.64
CA ALA C 122 9.49 35.46 -6.03
C ALA C 122 9.64 33.96 -6.31
N VAL C 123 10.63 33.33 -5.67
CA VAL C 123 10.99 31.90 -5.92
C VAL C 123 9.82 31.01 -5.50
N THR C 124 9.31 31.17 -4.30
CA THR C 124 8.21 30.34 -3.77
C THR C 124 6.89 30.80 -4.43
N ASP C 125 6.77 32.06 -4.84
CA ASP C 125 5.60 32.57 -5.61
C ASP C 125 5.52 31.77 -6.91
N ILE C 126 6.65 31.66 -7.65
CA ILE C 126 6.62 31.02 -8.99
C ILE C 126 6.33 29.53 -8.81
N LEU C 127 6.98 28.89 -7.82
CA LEU C 127 6.87 27.44 -7.55
C LEU C 127 5.44 27.08 -7.13
N GLU C 128 4.71 27.95 -6.42
CA GLU C 128 3.34 27.66 -5.89
C GLU C 128 2.24 28.02 -6.90
N GLN C 129 2.41 29.15 -7.60
CA GLN C 129 1.52 29.77 -8.62
C GLN C 129 0.72 28.70 -9.37
N ASP C 130 1.43 27.77 -10.00
CA ASP C 130 0.79 26.75 -10.89
C ASP C 130 1.29 25.37 -10.47
N ALA C 131 1.50 25.14 -9.18
CA ALA C 131 1.89 23.81 -8.64
C ALA C 131 0.77 22.80 -8.85
N VAL C 132 -0.47 23.22 -8.65
CA VAL C 132 -1.63 22.32 -8.87
C VAL C 132 -1.66 21.90 -10.33
N HIS C 133 -1.44 22.86 -11.25
CA HIS C 133 -1.53 22.60 -12.70
C HIS C 133 -0.39 21.64 -13.07
N LEU C 134 0.83 21.86 -12.55
CA LEU C 134 1.99 21.00 -12.91
C LEU C 134 1.81 19.60 -12.28
N CYS C 135 1.48 19.53 -10.98
CA CYS C 135 1.49 18.28 -10.19
C CYS C 135 0.25 17.46 -10.53
N GLY C 136 -0.92 18.11 -10.55
CA GLY C 136 -2.14 17.46 -11.06
C GLY C 136 -1.96 17.12 -12.52
N GLY C 137 -1.40 18.03 -13.32
CA GLY C 137 -1.17 17.77 -14.75
C GLY C 137 -0.27 16.55 -14.94
N GLN C 138 0.79 16.39 -14.13
CA GLN C 138 1.73 15.26 -14.30
C GLN C 138 0.96 13.94 -14.05
N ILE C 139 0.08 13.89 -13.05
CA ILE C 139 -0.71 12.67 -12.74
C ILE C 139 -1.53 12.27 -13.98
N ARG C 140 -2.38 13.16 -14.49
CA ARG C 140 -3.29 12.91 -15.68
C ARG C 140 -2.43 12.42 -16.85
N THR C 141 -1.36 13.14 -17.13
CA THR C 141 -0.40 12.92 -18.25
C THR C 141 0.29 11.55 -18.17
N LYS C 142 0.74 11.11 -17.00
CA LYS C 142 1.43 9.80 -16.88
C LYS C 142 0.41 8.66 -16.83
N ARG C 143 -0.90 8.94 -16.67
CA ARG C 143 -1.95 7.92 -16.49
C ARG C 143 -2.98 7.97 -17.62
N SER C 144 -2.69 8.63 -18.74
CA SER C 144 -3.54 8.60 -19.97
C SER C 144 -2.67 8.74 -21.23
N ARG C 145 -3.20 8.35 -22.38
CA ARG C 145 -2.49 8.25 -23.70
C ARG C 145 -3.11 9.31 -24.61
N ALA C 146 -2.30 10.00 -25.40
CA ALA C 146 -2.75 10.85 -26.52
C ALA C 146 -3.20 9.95 -27.67
N THR C 147 -4.30 10.28 -28.35
CA THR C 147 -4.83 9.46 -29.48
C THR C 147 -4.84 10.27 -30.77
N ASN C 148 -4.51 11.56 -30.68
CA ASN C 148 -4.50 12.51 -31.82
C ASN C 148 -3.58 13.69 -31.46
N LEU C 149 -3.38 14.62 -32.42
CA LEU C 149 -2.45 15.75 -32.26
C LEU C 149 -2.95 16.66 -31.15
N ARG C 150 -4.25 16.94 -31.10
CA ARG C 150 -4.84 17.90 -30.12
C ARG C 150 -4.54 17.42 -28.70
N GLU C 151 -4.71 16.13 -28.44
CA GLU C 151 -4.46 15.51 -27.12
C GLU C 151 -2.95 15.47 -26.90
N TRP C 152 -2.18 15.20 -27.96
CA TRP C 152 -0.70 15.10 -27.84
C TRP C 152 -0.16 16.44 -27.35
N ARG C 153 -0.64 17.52 -27.98
CA ARG C 153 -0.29 18.93 -27.65
C ARG C 153 -0.70 19.23 -26.20
N ALA C 154 -1.95 18.92 -25.87
CA ALA C 154 -2.51 19.14 -24.52
C ALA C 154 -1.63 18.45 -23.48
N HIS C 155 -1.23 17.19 -23.70
CA HIS C 155 -0.37 16.41 -22.76
C HIS C 155 1.03 17.03 -22.71
N ALA C 156 1.67 17.38 -23.83
CA ALA C 156 3.05 17.97 -23.85
C ALA C 156 3.05 19.38 -23.23
N SER C 157 2.01 20.20 -23.43
CA SER C 157 1.96 21.55 -22.82
C SER C 157 1.92 21.46 -21.27
N THR C 158 1.28 20.46 -20.67
CA THR C 158 1.14 20.39 -19.17
C THR C 158 2.41 19.82 -18.50
N TYR C 159 3.15 18.88 -19.11
CA TYR C 159 4.33 18.23 -18.46
C TYR C 159 5.63 18.85 -18.98
N GLY C 160 5.67 19.33 -20.22
CA GLY C 160 6.87 19.93 -20.83
C GLY C 160 6.83 21.43 -20.66
N SER C 161 5.76 22.07 -21.13
CA SER C 161 5.76 23.54 -21.31
C SER C 161 5.59 24.20 -19.94
N THR C 162 4.69 23.66 -19.10
CA THR C 162 4.50 24.16 -17.71
C THR C 162 5.80 23.95 -16.89
N PHE C 163 6.35 22.75 -16.96
CA PHE C 163 7.64 22.41 -16.31
C PHE C 163 8.65 23.50 -16.70
N LEU C 164 8.95 23.66 -17.99
CA LEU C 164 10.09 24.51 -18.37
C LEU C 164 9.69 25.97 -18.23
N GLY C 165 8.40 26.28 -18.32
CA GLY C 165 7.89 27.66 -18.17
C GLY C 165 8.27 28.22 -16.81
N ARG C 166 8.12 27.42 -15.75
CA ARG C 166 8.41 27.84 -14.37
C ARG C 166 9.90 28.20 -14.29
N TYR C 167 10.77 27.37 -14.86
CA TYR C 167 12.23 27.63 -14.77
C TYR C 167 12.57 28.90 -15.58
N GLY C 168 11.82 29.22 -16.66
CA GLY C 168 11.96 30.50 -17.38
C GLY C 168 11.56 31.65 -16.49
N ALA C 169 10.40 31.56 -15.82
CA ALA C 169 10.00 32.58 -14.83
C ALA C 169 11.08 32.72 -13.75
N LEU C 170 11.65 31.62 -13.25
CA LEU C 170 12.70 31.70 -12.20
C LEU C 170 13.97 32.37 -12.77
N ALA C 171 14.38 32.06 -14.01
CA ALA C 171 15.58 32.66 -14.65
C ALA C 171 15.40 34.19 -14.73
N ALA C 172 14.19 34.68 -15.06
CA ALA C 172 13.87 36.14 -15.07
C ALA C 172 13.95 36.70 -13.64
N ALA C 173 13.33 36.06 -12.65
CA ALA C 173 13.25 36.56 -11.25
C ALA C 173 14.64 36.66 -10.63
N CYS C 174 15.56 35.79 -11.03
CA CYS C 174 16.92 35.66 -10.43
C CYS C 174 18.00 36.35 -11.28
N GLY C 175 17.64 36.91 -12.43
CA GLY C 175 18.61 37.25 -13.49
C GLY C 175 18.96 38.73 -13.47
N GLY C 176 18.68 39.42 -12.36
CA GLY C 176 18.68 40.89 -12.31
C GLY C 176 17.72 41.49 -13.32
N GLU C 177 17.88 42.75 -13.68
CA GLU C 177 16.79 43.59 -14.22
C GLU C 177 17.02 43.83 -15.72
N GLY C 178 16.02 44.40 -16.38
CA GLY C 178 15.92 44.35 -17.85
C GLY C 178 15.82 42.90 -18.29
N GLN C 179 14.86 42.17 -17.73
CA GLN C 179 14.49 40.81 -18.19
C GLN C 179 12.98 40.79 -18.43
N PRO C 180 12.53 40.54 -19.68
CA PRO C 180 11.11 40.44 -20.00
C PRO C 180 10.50 39.10 -19.58
N ALA C 181 10.01 39.04 -18.32
CA ALA C 181 9.60 37.81 -17.63
C ALA C 181 8.67 36.99 -18.53
N ASP C 182 7.57 37.60 -18.97
CA ASP C 182 6.54 36.92 -19.79
C ASP C 182 7.21 36.31 -21.03
N SER C 183 8.21 36.95 -21.60
CA SER C 183 8.85 36.47 -22.85
C SER C 183 9.83 35.32 -22.55
N VAL C 184 10.55 35.38 -21.41
CA VAL C 184 11.46 34.27 -20.98
C VAL C 184 10.60 33.01 -20.79
N ARG C 185 9.41 33.17 -20.22
CA ARG C 185 8.49 32.02 -20.02
C ARG C 185 7.96 31.54 -21.37
N GLU C 186 7.62 32.45 -22.29
CA GLU C 186 7.03 32.17 -23.63
C GLU C 186 8.01 31.30 -24.40
N PHE C 187 9.26 31.71 -24.41
CA PHE C 187 10.38 30.99 -25.10
C PHE C 187 10.53 29.59 -24.50
N ALA C 188 10.66 29.49 -23.16
CA ALA C 188 10.71 28.17 -22.45
C ALA C 188 9.52 27.30 -22.83
N GLU C 189 8.30 27.80 -22.76
CA GLU C 189 7.12 26.93 -23.09
C GLU C 189 7.20 26.46 -24.55
N ALA C 190 7.59 27.31 -25.49
CA ALA C 190 7.65 26.90 -26.92
C ALA C 190 8.80 25.90 -27.09
N PHE C 191 9.97 26.21 -26.55
CA PHE C 191 11.17 25.38 -26.76
C PHE C 191 10.87 23.98 -26.20
N ALA C 192 10.21 23.90 -25.03
CA ALA C 192 9.94 22.60 -24.37
C ALA C 192 9.13 21.72 -25.30
N MET C 193 8.11 22.30 -25.95
CA MET C 193 7.31 21.44 -26.84
C MET C 193 8.18 21.01 -28.05
N THR C 194 9.15 21.81 -28.48
CA THR C 194 10.00 21.42 -29.64
C THR C 194 10.85 20.20 -29.24
N ILE C 195 11.46 20.25 -28.05
CA ILE C 195 12.31 19.12 -27.56
C ILE C 195 11.42 17.89 -27.25
N THR C 196 10.18 18.09 -26.82
CA THR C 196 9.27 16.95 -26.56
C THR C 196 9.00 16.21 -27.87
N MET C 197 8.71 16.95 -28.94
CA MET C 197 8.46 16.36 -30.28
C MET C 197 9.71 15.57 -30.70
N ALA C 198 10.88 16.19 -30.58
CA ALA C 198 12.18 15.55 -30.86
C ALA C 198 12.31 14.24 -30.06
N ASP C 199 12.02 14.24 -28.74
CA ASP C 199 12.08 13.01 -27.89
C ASP C 199 11.20 11.91 -28.45
N ASP C 200 9.94 12.23 -28.76
CA ASP C 200 8.98 11.20 -29.27
C ASP C 200 9.53 10.63 -30.58
N LEU C 201 9.90 11.49 -31.53
CA LEU C 201 10.30 11.01 -32.88
C LEU C 201 11.55 10.14 -32.70
N THR C 202 12.38 10.45 -31.71
CA THR C 202 13.61 9.67 -31.40
C THR C 202 13.18 8.31 -30.80
N ASP C 203 12.34 8.33 -29.76
CA ASP C 203 12.15 7.16 -28.87
C ASP C 203 11.42 6.06 -29.66
N TYR C 204 10.60 6.42 -30.62
CA TYR C 204 9.92 5.40 -31.47
C TYR C 204 10.94 4.34 -31.92
N ASP C 205 12.09 4.78 -32.43
CA ASP C 205 13.17 3.88 -32.94
C ASP C 205 14.15 3.52 -31.82
N ARG C 206 14.64 4.47 -31.03
CA ARG C 206 15.61 4.18 -29.94
C ARG C 206 15.12 3.05 -29.00
N ASN C 207 13.86 3.04 -28.58
CA ASN C 207 13.43 2.10 -27.52
C ASN C 207 12.00 1.59 -27.77
N GLY C 208 11.51 1.61 -29.01
CA GLY C 208 10.24 0.96 -29.40
C GLY C 208 8.98 1.62 -28.84
N GLU C 209 9.01 2.91 -28.50
CA GLU C 209 7.86 3.57 -27.81
C GLU C 209 6.67 3.62 -28.78
N ARG C 210 5.45 3.31 -28.32
CA ARG C 210 4.24 3.21 -29.18
C ARG C 210 3.08 4.04 -28.59
N ASP C 211 2.45 3.57 -27.50
CA ASP C 211 1.25 4.21 -26.86
C ASP C 211 1.45 5.71 -26.69
N GLY C 212 0.71 6.53 -27.43
CA GLY C 212 0.73 8.01 -27.30
C GLY C 212 1.95 8.68 -27.91
N ASN C 213 2.92 7.94 -28.45
CA ASN C 213 4.15 8.51 -29.05
C ASN C 213 3.78 9.17 -30.40
N LEU C 214 4.27 10.38 -30.66
CA LEU C 214 3.92 11.17 -31.86
C LEU C 214 4.24 10.42 -33.17
N ALA C 215 5.40 9.75 -33.32
CA ALA C 215 5.74 9.00 -34.56
C ALA C 215 4.75 7.85 -34.77
N HIS C 216 4.39 7.15 -33.69
CA HIS C 216 3.38 6.06 -33.74
C HIS C 216 2.03 6.60 -34.22
N LEU C 217 1.54 7.74 -33.67
CA LEU C 217 0.26 8.39 -34.05
C LEU C 217 0.28 8.77 -35.55
N MET C 218 1.41 9.25 -36.06
CA MET C 218 1.55 9.59 -37.50
C MET C 218 1.43 8.29 -38.31
N ARG C 219 2.18 7.25 -37.93
CA ARG C 219 2.26 5.99 -38.70
C ARG C 219 0.94 5.20 -38.67
N THR C 220 0.07 5.39 -37.69
CA THR C 220 -1.27 4.73 -37.65
C THR C 220 -2.29 5.55 -38.45
N GLY C 221 -1.97 6.80 -38.83
CA GLY C 221 -2.90 7.73 -39.51
C GLY C 221 -3.80 8.53 -38.57
N ALA C 222 -3.54 8.54 -37.25
CA ALA C 222 -4.32 9.34 -36.28
C ALA C 222 -3.83 10.81 -36.31
N VAL C 223 -2.57 11.01 -36.68
CA VAL C 223 -1.97 12.35 -36.82
C VAL C 223 -1.42 12.49 -38.24
N ALA C 224 -1.70 13.63 -38.90
CA ALA C 224 -1.29 13.92 -40.29
C ALA C 224 0.09 14.55 -40.27
N GLY C 225 1.00 14.11 -41.13
CA GLY C 225 2.39 14.62 -41.18
C GLY C 225 2.45 16.13 -41.34
N GLN C 226 1.57 16.69 -42.18
CA GLN C 226 1.55 18.16 -42.45
C GLN C 226 1.18 18.88 -41.15
N ASP C 227 0.29 18.35 -40.31
CA ASP C 227 -0.08 19.01 -39.03
C ASP C 227 1.17 19.08 -38.14
N VAL C 228 2.06 18.09 -38.23
CA VAL C 228 3.23 18.01 -37.34
C VAL C 228 4.24 19.09 -37.78
N VAL C 229 4.51 19.18 -39.08
CA VAL C 229 5.38 20.26 -39.65
C VAL C 229 4.82 21.62 -39.21
N ASP C 230 3.50 21.79 -39.26
CA ASP C 230 2.82 23.06 -38.91
C ASP C 230 3.07 23.42 -37.45
N LEU C 231 2.80 22.48 -36.52
CA LEU C 231 3.06 22.64 -35.06
C LEU C 231 4.53 23.02 -34.88
N LEU C 232 5.42 22.40 -35.64
CA LEU C 232 6.88 22.70 -35.54
C LEU C 232 7.13 24.17 -35.85
N GLU C 233 6.75 24.63 -37.03
CA GLU C 233 7.07 26.02 -37.45
C GLU C 233 6.31 26.98 -36.54
N GLU C 234 5.11 26.60 -36.07
CA GLU C 234 4.35 27.41 -35.06
C GLU C 234 5.18 27.60 -33.79
N LEU C 235 5.80 26.53 -33.27
CA LEU C 235 6.57 26.54 -32.00
C LEU C 235 7.83 27.34 -32.27
N ARG C 236 8.39 27.21 -33.48
CA ARG C 236 9.63 27.96 -33.85
C ARG C 236 9.29 29.46 -33.88
N GLY C 237 8.18 29.83 -34.50
CA GLY C 237 7.76 31.25 -34.51
C GLY C 237 7.47 31.80 -33.12
N ARG C 238 6.81 31.00 -32.26
CA ARG C 238 6.54 31.41 -30.83
C ARG C 238 7.90 31.70 -30.16
N ALA C 239 8.86 30.78 -30.26
CA ALA C 239 10.20 30.94 -29.64
C ALA C 239 10.87 32.18 -30.23
N LEU C 240 10.88 32.32 -31.56
CA LEU C 240 11.62 33.45 -32.26
C LEU C 240 11.00 34.81 -31.87
N ALA C 241 9.66 34.91 -31.78
CA ALA C 241 8.98 36.15 -31.30
C ALA C 241 9.34 36.46 -29.83
N ALA C 242 9.44 35.44 -28.96
CA ALA C 242 9.74 35.66 -27.52
C ALA C 242 11.17 36.20 -27.32
N VAL C 243 12.14 35.69 -28.08
CA VAL C 243 13.56 36.16 -28.00
C VAL C 243 13.73 37.51 -28.75
N ALA C 244 12.77 37.95 -29.58
CA ALA C 244 12.78 39.29 -30.25
C ALA C 244 12.19 40.36 -29.31
N ALA C 245 11.27 40.00 -28.41
CA ALA C 245 10.61 40.97 -27.49
C ALA C 245 11.67 41.74 -26.71
N PRO C 246 11.54 43.07 -26.52
CA PRO C 246 12.67 43.88 -26.03
C PRO C 246 12.90 43.68 -24.53
N PRO C 247 14.16 43.69 -24.03
CA PRO C 247 15.33 44.09 -24.81
C PRO C 247 15.97 43.03 -25.71
N GLY C 248 15.37 41.84 -25.81
CA GLY C 248 15.76 40.82 -26.80
C GLY C 248 16.91 39.92 -26.34
N ALA C 249 16.98 38.70 -26.89
CA ALA C 249 18.01 37.68 -26.59
C ALA C 249 18.41 37.04 -27.90
N PRO C 250 19.11 37.80 -28.78
CA PRO C 250 19.48 37.34 -30.12
C PRO C 250 20.41 36.13 -30.16
N GLY C 251 21.18 35.86 -29.11
CA GLY C 251 21.99 34.62 -29.00
C GLY C 251 21.16 33.34 -29.13
N LEU C 252 19.85 33.38 -28.82
CA LEU C 252 18.93 32.21 -28.83
C LEU C 252 18.35 31.92 -30.22
N VAL C 253 18.50 32.84 -31.20
CA VAL C 253 17.92 32.67 -32.58
C VAL C 253 18.52 31.43 -33.22
N PRO C 254 19.85 31.28 -33.32
CA PRO C 254 20.44 30.04 -33.85
C PRO C 254 20.20 28.76 -33.03
N VAL C 255 19.99 28.91 -31.72
CA VAL C 255 19.58 27.79 -30.83
C VAL C 255 18.18 27.33 -31.27
N VAL C 256 17.21 28.23 -31.38
CA VAL C 256 15.85 27.86 -31.84
C VAL C 256 15.98 27.15 -33.18
N HIS C 257 16.73 27.73 -34.15
CA HIS C 257 16.91 27.12 -35.50
C HIS C 257 17.58 25.76 -35.36
N LEU C 258 18.60 25.60 -34.52
CA LEU C 258 19.34 24.31 -34.42
C LEU C 258 18.39 23.16 -34.01
N TYR C 259 17.59 23.35 -32.97
CA TYR C 259 16.68 22.28 -32.46
C TYR C 259 15.56 22.05 -33.47
N THR C 260 14.96 23.10 -34.04
CA THR C 260 13.85 22.91 -34.99
C THR C 260 14.40 22.22 -36.25
N ASP C 261 15.55 22.66 -36.75
CA ASP C 261 16.20 22.10 -37.98
C ASP C 261 16.56 20.63 -37.76
N ASP C 262 16.97 20.27 -36.55
CA ASP C 262 17.34 18.87 -36.24
C ASP C 262 16.11 17.96 -36.37
N VAL C 263 14.93 18.39 -35.92
CA VAL C 263 13.66 17.64 -36.13
C VAL C 263 13.33 17.60 -37.62
N LEU C 264 13.46 18.74 -38.32
CA LEU C 264 13.09 18.80 -39.76
C LEU C 264 13.98 17.86 -40.62
N VAL C 265 15.29 17.82 -40.41
CA VAL C 265 16.24 17.13 -41.34
C VAL C 265 16.41 15.67 -40.91
N ARG C 266 16.53 15.38 -39.60
CA ARG C 266 16.98 14.05 -39.09
C ARG C 266 15.78 13.24 -38.57
N LEU C 267 14.91 13.82 -37.75
CA LEU C 267 13.91 13.02 -37.00
C LEU C 267 12.61 12.86 -37.79
N LEU C 268 12.10 13.93 -38.41
CA LEU C 268 10.71 13.93 -38.96
C LEU C 268 10.65 13.09 -40.23
N PRO C 269 11.65 13.19 -41.15
CA PRO C 269 11.55 12.57 -42.48
C PRO C 269 11.35 11.04 -42.47
N ARG C 270 11.99 10.32 -41.54
CA ARG C 270 11.83 8.84 -41.42
C ARG C 270 10.47 8.49 -40.80
N HIS C 271 9.49 9.40 -40.71
CA HIS C 271 8.11 9.10 -40.28
C HIS C 271 7.05 9.70 -41.21
N LEU C 272 7.46 10.44 -42.25
CA LEU C 272 6.54 10.99 -43.28
C LEU C 272 6.43 9.98 -44.43
N ASP D 11 -7.33 21.55 26.86
CA ASP D 11 -5.88 21.64 26.51
C ASP D 11 -5.48 20.40 25.68
N ASP D 12 -5.96 19.22 26.09
CA ASP D 12 -6.08 18.04 25.19
C ASP D 12 -7.00 18.40 24.01
N ASP D 13 -8.12 19.06 24.29
CA ASP D 13 -9.11 19.55 23.29
C ASP D 13 -8.41 20.47 22.28
N LYS D 14 -7.54 21.37 22.76
CA LYS D 14 -6.86 22.38 21.92
C LYS D 14 -5.91 21.67 20.94
N MET D 15 -5.24 20.64 21.41
CA MET D 15 -4.27 19.87 20.61
C MET D 15 -5.07 19.07 19.55
N LEU D 16 -6.21 18.51 19.95
CA LEU D 16 -7.01 17.66 19.03
C LEU D 16 -7.63 18.55 17.96
N ALA D 17 -8.02 19.78 18.31
CA ALA D 17 -8.61 20.71 17.33
C ALA D 17 -7.51 21.16 16.35
N ALA D 18 -6.26 21.30 16.81
CA ALA D 18 -5.10 21.63 15.95
C ALA D 18 -4.71 20.42 15.06
N GLU D 19 -4.63 19.23 15.63
CA GLU D 19 -4.44 18.02 14.77
C GLU D 19 -5.47 18.02 13.62
N ALA D 20 -6.73 18.31 13.93
CA ALA D 20 -7.85 18.17 12.98
C ALA D 20 -7.76 19.28 11.94
N ALA D 21 -7.41 20.51 12.30
CA ALA D 21 -7.29 21.62 11.32
C ALA D 21 -6.13 21.33 10.35
N ASN D 22 -5.05 20.75 10.86
CA ASN D 22 -3.85 20.34 10.09
C ASN D 22 -4.23 19.22 9.13
N ARG D 23 -4.91 18.18 9.62
CA ARG D 23 -5.53 17.12 8.79
C ARG D 23 -6.38 17.74 7.67
N ASP D 24 -7.27 18.67 8.00
CA ASP D 24 -8.17 19.34 7.03
C ASP D 24 -7.31 19.97 5.94
N HIS D 25 -6.34 20.81 6.35
CA HIS D 25 -5.52 21.60 5.42
C HIS D 25 -4.79 20.55 4.54
N VAL D 26 -4.29 19.46 5.10
CA VAL D 26 -3.48 18.53 4.27
C VAL D 26 -4.40 17.77 3.29
N THR D 27 -5.52 17.24 3.76
CA THR D 27 -6.38 16.36 2.93
C THR D 27 -7.00 17.19 1.80
N ARG D 28 -7.40 18.43 2.06
CA ARG D 28 -7.94 19.34 1.01
C ARG D 28 -6.89 19.55 -0.07
N CYS D 29 -5.66 19.74 0.35
CA CYS D 29 -4.53 19.99 -0.54
C CYS D 29 -4.20 18.77 -1.41
N VAL D 30 -4.24 17.55 -0.85
CA VAL D 30 -4.17 16.26 -1.61
C VAL D 30 -5.28 16.19 -2.65
N ALA D 31 -6.54 16.41 -2.23
CA ALA D 31 -7.76 16.25 -3.06
C ALA D 31 -7.70 17.25 -4.21
N GLN D 32 -7.33 18.49 -3.92
CA GLN D 32 -7.30 19.61 -4.90
C GLN D 32 -6.22 19.37 -5.96
N THR D 33 -5.18 18.56 -5.71
CA THR D 33 -4.14 18.28 -6.73
C THR D 33 -4.45 16.98 -7.49
N GLY D 34 -5.55 16.31 -7.17
CA GLY D 34 -5.99 15.11 -7.92
C GLY D 34 -5.70 13.83 -7.19
N GLY D 35 -5.45 13.92 -5.88
CA GLY D 35 -5.16 12.73 -5.08
C GLY D 35 -6.38 11.86 -4.94
N SER D 36 -6.14 10.56 -4.99
CA SER D 36 -7.10 9.46 -4.79
C SER D 36 -7.67 9.49 -3.38
N PRO D 37 -8.93 9.05 -3.18
CA PRO D 37 -9.44 8.82 -1.82
C PRO D 37 -8.47 8.01 -0.94
N ASP D 38 -7.86 6.98 -1.51
CA ASP D 38 -6.89 6.11 -0.82
C ASP D 38 -5.70 6.95 -0.30
N LEU D 39 -5.19 7.88 -1.11
CA LEU D 39 -4.04 8.72 -0.67
C LEU D 39 -4.52 9.74 0.37
N VAL D 40 -5.75 10.23 0.24
CA VAL D 40 -6.34 11.10 1.29
C VAL D 40 -6.39 10.28 2.61
N ALA D 41 -6.81 9.03 2.57
CA ALA D 41 -6.95 8.21 3.80
C ALA D 41 -5.56 8.01 4.41
N HIS D 42 -4.58 7.79 3.55
CA HIS D 42 -3.19 7.50 3.97
C HIS D 42 -2.67 8.71 4.74
N THR D 43 -2.83 9.91 4.19
CA THR D 43 -2.27 11.15 4.79
C THR D 43 -3.03 11.46 6.09
N ALA D 44 -4.35 11.26 6.09
CA ALA D 44 -5.22 11.57 7.24
C ALA D 44 -4.87 10.66 8.42
N ALA D 45 -4.38 9.45 8.16
CA ALA D 45 -3.95 8.49 9.20
C ALA D 45 -2.61 8.91 9.85
N LEU D 46 -1.92 9.98 9.37
CA LEU D 46 -0.55 10.32 9.90
C LEU D 46 -0.67 11.17 11.18
N ARG D 47 -1.19 10.61 12.28
CA ARG D 47 -1.62 11.38 13.49
C ARG D 47 -0.42 12.16 14.09
N LEU D 48 0.66 11.48 14.39
CA LEU D 48 1.84 12.15 14.99
C LEU D 48 2.30 13.30 14.08
N TYR D 49 2.41 13.07 12.77
CA TYR D 49 2.95 14.08 11.81
C TYR D 49 2.03 15.29 11.79
N LEU D 50 0.71 15.11 11.98
CA LEU D 50 -0.28 16.22 12.01
C LEU D 50 -0.34 16.92 13.36
N ARG D 51 0.03 16.24 14.43
CA ARG D 51 -0.13 16.76 15.81
C ARG D 51 1.13 17.54 16.23
N VAL D 52 2.29 17.06 15.84
CA VAL D 52 3.58 17.54 16.38
C VAL D 52 3.79 19.03 16.06
N PRO D 53 3.33 19.59 14.92
CA PRO D 53 3.47 21.02 14.71
C PRO D 53 2.79 21.80 15.84
N HIS D 54 1.78 21.21 16.48
CA HIS D 54 1.09 21.91 17.60
C HIS D 54 2.09 22.17 18.73
N PHE D 55 2.93 21.20 19.04
CA PHE D 55 3.98 21.27 20.08
C PHE D 55 5.03 22.31 19.63
N LEU D 56 5.43 22.29 18.35
CA LEU D 56 6.56 23.13 17.85
C LEU D 56 6.17 24.61 17.91
N THR D 57 4.88 24.91 17.78
CA THR D 57 4.33 26.29 17.70
C THR D 57 3.82 26.81 19.07
N GLU D 58 4.03 26.10 20.17
CA GLU D 58 3.55 26.47 21.53
C GLU D 58 4.06 27.85 22.00
N TRP D 59 5.20 28.36 21.49
CA TRP D 59 5.75 29.68 21.89
C TRP D 59 4.96 30.81 21.21
N THR D 60 4.07 30.48 20.28
CA THR D 60 3.43 31.49 19.40
C THR D 60 2.28 32.17 20.16
N THR D 61 2.30 33.50 20.28
CA THR D 61 1.36 34.25 21.15
C THR D 61 0.06 34.53 20.39
N ASP D 62 0.13 34.86 19.09
CA ASP D 62 -1.07 35.16 18.27
C ASP D 62 -1.68 33.84 17.78
N PRO D 63 -2.95 33.57 18.13
CA PRO D 63 -3.59 32.29 17.78
C PRO D 63 -3.75 32.15 16.25
N ASP D 64 -3.93 33.24 15.50
CA ASP D 64 -4.04 33.18 14.02
C ASP D 64 -2.70 32.80 13.41
N ARG D 65 -1.61 33.48 13.78
CA ARG D 65 -0.26 33.14 13.28
C ARG D 65 0.04 31.70 13.68
N ARG D 66 -0.38 31.29 14.90
CA ARG D 66 -0.05 29.94 15.38
C ARG D 66 -0.73 28.86 14.52
N ALA D 67 -2.03 28.96 14.27
CA ALA D 67 -2.78 28.02 13.40
C ALA D 67 -2.14 27.97 12.00
N ALA D 68 -1.74 29.11 11.46
CA ALA D 68 -1.22 29.21 10.09
C ALA D 68 0.15 28.50 9.98
N VAL D 69 1.02 28.65 10.99
CA VAL D 69 2.37 27.99 10.98
C VAL D 69 2.18 26.49 11.23
N SER D 70 1.32 26.11 12.18
CA SER D 70 1.06 24.70 12.52
C SER D 70 0.64 23.94 11.24
N ARG D 71 -0.30 24.50 10.48
CA ARG D 71 -0.80 23.80 9.26
C ARG D 71 0.29 23.79 8.16
N ALA D 72 1.06 24.86 8.03
CA ALA D 72 2.14 24.97 7.02
C ALA D 72 3.21 23.91 7.30
N LEU D 73 3.60 23.77 8.57
CA LEU D 73 4.57 22.72 9.00
C LEU D 73 3.97 21.33 8.71
N ALA D 74 2.69 21.11 8.98
CA ALA D 74 2.03 19.81 8.72
C ALA D 74 2.14 19.43 7.23
N LEU D 75 1.90 20.36 6.30
CA LEU D 75 2.07 20.13 4.83
C LEU D 75 3.46 19.58 4.51
N ASP D 76 4.51 20.24 4.98
CA ASP D 76 5.88 19.81 4.64
C ASP D 76 6.23 18.50 5.34
N ILE D 77 5.90 18.35 6.62
CA ILE D 77 6.23 17.10 7.36
C ILE D 77 5.54 15.91 6.65
N VAL D 78 4.26 16.02 6.32
CA VAL D 78 3.54 14.96 5.54
C VAL D 78 4.20 14.80 4.17
N SER D 79 4.57 15.87 3.47
CA SER D 79 5.30 15.76 2.19
C SER D 79 6.51 14.87 2.38
N MET D 80 7.27 15.11 3.45
CA MET D 80 8.53 14.37 3.69
C MET D 80 8.18 12.92 4.04
N LYS D 81 7.01 12.68 4.64
CA LYS D 81 6.60 11.30 4.94
C LYS D 81 6.24 10.62 3.60
N LEU D 82 5.53 11.31 2.71
CA LEU D 82 5.29 10.75 1.34
C LEU D 82 6.61 10.45 0.62
N LEU D 83 7.62 11.32 0.72
CA LEU D 83 8.93 11.06 0.07
C LEU D 83 9.52 9.77 0.63
N ASP D 84 9.36 9.58 1.96
CA ASP D 84 9.84 8.36 2.65
C ASP D 84 9.05 7.14 2.16
N ASP D 85 7.73 7.27 1.96
CA ASP D 85 6.88 6.17 1.43
C ASP D 85 7.37 5.78 0.06
N LEU D 86 7.84 6.77 -0.71
CA LEU D 86 8.25 6.60 -2.11
C LEU D 86 9.53 5.78 -2.15
N MET D 87 10.42 5.93 -1.16
CA MET D 87 11.65 5.10 -1.13
C MET D 87 11.37 3.70 -0.58
N ASP D 88 10.45 3.52 0.37
CA ASP D 88 10.18 2.16 0.91
C ASP D 88 9.39 1.38 -0.15
N ASP D 89 8.59 2.08 -0.97
CA ASP D 89 7.69 1.54 -2.01
C ASP D 89 6.80 0.38 -1.48
N ASP D 90 6.24 0.54 -0.29
CA ASP D 90 5.48 -0.53 0.40
C ASP D 90 4.06 -0.07 0.77
N THR D 91 3.54 1.06 0.24
CA THR D 91 2.22 1.60 0.69
C THR D 91 1.07 1.06 -0.18
N GLY D 92 1.37 0.50 -1.35
CA GLY D 92 0.38 0.09 -2.34
C GLY D 92 -0.23 1.26 -3.14
N LEU D 93 0.23 2.50 -2.91
CA LEU D 93 -0.27 3.68 -3.65
C LEU D 93 0.43 3.72 -4.99
N ASP D 94 -0.27 4.22 -5.98
CA ASP D 94 0.33 4.62 -7.26
C ASP D 94 1.50 5.59 -6.99
N ARG D 95 2.72 5.22 -7.40
CA ARG D 95 3.93 6.05 -7.16
C ARG D 95 3.78 7.41 -7.82
N VAL D 96 3.01 7.53 -8.90
CA VAL D 96 2.84 8.81 -9.61
C VAL D 96 2.05 9.79 -8.75
N GLU D 97 0.93 9.40 -8.15
CA GLU D 97 0.16 10.34 -7.28
C GLU D 97 0.96 10.58 -6.01
N LEU D 98 1.75 9.60 -5.57
CA LEU D 98 2.55 9.74 -4.33
C LEU D 98 3.60 10.83 -4.56
N ALA D 99 4.36 10.79 -5.67
CA ALA D 99 5.46 11.75 -5.94
C ALA D 99 4.84 13.13 -6.22
N CYS D 100 3.79 13.17 -7.06
CA CYS D 100 3.20 14.46 -7.52
C CYS D 100 2.54 15.19 -6.34
N VAL D 101 1.90 14.45 -5.45
CA VAL D 101 1.27 15.07 -4.25
C VAL D 101 2.36 15.43 -3.25
N CYS D 102 3.39 14.59 -3.07
CA CYS D 102 4.60 14.93 -2.26
C CYS D 102 5.10 16.32 -2.68
N LEU D 103 5.33 16.56 -3.97
CA LEU D 103 5.87 17.86 -4.43
C LEU D 103 4.85 18.97 -4.15
N ARG D 104 3.58 18.76 -4.49
CA ARG D 104 2.57 19.82 -4.36
C ARG D 104 2.52 20.26 -2.89
N LEU D 105 2.44 19.34 -1.95
CA LEU D 105 2.33 19.75 -0.53
C LEU D 105 3.55 20.59 -0.14
N HIS D 106 4.74 20.14 -0.52
CA HIS D 106 6.01 20.80 -0.15
C HIS D 106 5.96 22.23 -0.67
N LEU D 107 5.52 22.41 -1.92
CA LEU D 107 5.58 23.74 -2.56
C LEU D 107 4.61 24.67 -1.87
N ARG D 108 3.45 24.16 -1.47
CA ARG D 108 2.49 24.99 -0.71
C ARG D 108 3.09 25.36 0.65
N ALA D 109 3.79 24.44 1.32
CA ALA D 109 4.39 24.69 2.66
C ALA D 109 5.50 25.75 2.54
N LEU D 110 6.29 25.73 1.47
CA LEU D 110 7.35 26.76 1.28
C LEU D 110 6.69 28.15 1.24
N HIS D 111 5.69 28.29 0.40
CA HIS D 111 4.95 29.55 0.21
C HIS D 111 4.33 29.95 1.55
N GLU D 112 3.65 29.04 2.24
CA GLU D 112 2.92 29.44 3.49
C GLU D 112 3.97 29.88 4.55
N LEU D 113 5.05 29.12 4.71
CA LEU D 113 6.15 29.44 5.69
C LEU D 113 6.82 30.78 5.33
N GLU D 114 7.17 31.02 4.07
CA GLU D 114 7.86 32.25 3.62
C GLU D 114 6.92 33.46 3.68
N SER D 115 5.61 33.25 3.69
CA SER D 115 4.60 34.29 3.97
C SER D 115 4.66 34.73 5.43
N LEU D 116 5.10 33.86 6.35
CA LEU D 116 5.06 34.15 7.79
C LEU D 116 6.48 34.41 8.35
N ALA D 117 7.54 34.19 7.55
CA ALA D 117 8.95 34.29 8.00
C ALA D 117 9.26 35.78 8.17
N ARG D 118 9.92 36.17 9.26
CA ARG D 118 10.39 37.56 9.45
C ARG D 118 11.41 37.90 8.35
N ASP D 119 12.37 37.02 8.10
CA ASP D 119 13.49 37.18 7.13
C ASP D 119 13.12 36.38 5.88
N PRO D 120 13.19 36.99 4.67
CA PRO D 120 12.88 36.29 3.43
C PRO D 120 13.73 35.06 3.08
N LYS D 121 14.89 34.87 3.71
CA LYS D 121 15.85 33.79 3.40
C LYS D 121 15.85 32.74 4.50
N ALA D 122 15.22 33.02 5.63
CA ALA D 122 15.30 32.18 6.84
C ALA D 122 14.85 30.75 6.53
N VAL D 123 13.75 30.61 5.78
CA VAL D 123 13.16 29.29 5.48
C VAL D 123 14.15 28.48 4.63
N THR D 124 14.71 29.03 3.56
CA THR D 124 15.67 28.30 2.68
C THR D 124 17.01 28.17 3.40
N ASP D 125 17.36 29.09 4.31
CA ASP D 125 18.63 28.90 5.10
C ASP D 125 18.53 27.66 5.98
N ILE D 126 17.43 27.51 6.73
CA ILE D 126 17.17 26.39 7.66
C ILE D 126 17.13 25.08 6.87
N LEU D 127 16.52 25.05 5.69
CA LEU D 127 16.37 23.81 4.89
C LEU D 127 17.72 23.41 4.27
N GLU D 128 18.56 24.37 3.86
CA GLU D 128 19.87 24.05 3.21
C GLU D 128 20.93 23.72 4.29
N GLN D 129 20.88 24.39 5.44
CA GLN D 129 21.93 24.37 6.54
C GLN D 129 22.57 22.98 6.72
N ASP D 130 21.72 21.99 6.97
CA ASP D 130 22.13 20.61 7.28
C ASP D 130 21.36 19.62 6.40
N ALA D 131 21.00 20.04 5.20
CA ALA D 131 20.47 19.19 4.11
C ALA D 131 21.38 17.98 3.89
N VAL D 132 22.70 18.21 3.86
CA VAL D 132 23.64 17.08 3.58
C VAL D 132 23.58 16.09 4.74
N HIS D 133 23.53 16.58 5.97
CA HIS D 133 23.45 15.69 7.16
C HIS D 133 22.13 14.91 7.09
N LEU D 134 20.99 15.59 6.89
CA LEU D 134 19.67 14.92 6.83
C LEU D 134 19.66 13.91 5.65
N CYS D 135 19.99 14.34 4.41
CA CYS D 135 19.79 13.53 3.18
C CYS D 135 20.81 12.38 3.11
N GLY D 136 22.11 12.67 3.25
CA GLY D 136 23.18 11.67 3.30
C GLY D 136 23.00 10.74 4.48
N GLY D 137 22.60 11.32 5.63
CA GLY D 137 22.26 10.56 6.86
C GLY D 137 21.14 9.57 6.59
N GLN D 138 20.06 9.98 5.92
CA GLN D 138 18.90 9.12 5.64
C GLN D 138 19.34 7.92 4.75
N ILE D 139 20.23 8.13 3.79
CA ILE D 139 20.76 7.00 2.95
C ILE D 139 21.46 6.01 3.88
N ARG D 140 22.32 6.48 4.78
CA ARG D 140 23.12 5.59 5.67
C ARG D 140 22.17 4.87 6.63
N THR D 141 21.13 5.54 7.12
CA THR D 141 20.22 4.88 8.10
C THR D 141 19.35 3.85 7.38
N LYS D 142 18.90 4.11 6.15
CA LYS D 142 18.08 3.14 5.38
C LYS D 142 18.96 1.96 4.93
N ARG D 143 20.28 2.10 4.85
CA ARG D 143 21.10 1.04 4.18
C ARG D 143 22.07 0.41 5.18
N SER D 144 21.92 0.72 6.47
CA SER D 144 22.73 0.06 7.52
C SER D 144 21.91 -0.13 8.80
N ARG D 145 22.43 -0.96 9.72
CA ARG D 145 21.74 -1.32 10.98
C ARG D 145 22.70 -0.95 12.12
N ALA D 146 22.15 -0.43 13.21
CA ALA D 146 22.87 -0.21 14.48
C ALA D 146 23.14 -1.58 15.12
N THR D 147 24.35 -1.77 15.62
CA THR D 147 24.78 -3.01 16.33
C THR D 147 24.92 -2.74 17.83
N ASN D 148 24.83 -1.48 18.27
CA ASN D 148 24.99 -1.03 19.69
C ASN D 148 24.27 0.31 19.91
N LEU D 149 24.43 0.94 21.07
CA LEU D 149 23.58 2.10 21.44
C LEU D 149 24.15 3.36 20.79
N ARG D 150 25.47 3.48 20.70
CA ARG D 150 26.09 4.66 20.06
C ARG D 150 25.54 4.77 18.63
N GLU D 151 25.52 3.64 17.90
CA GLU D 151 25.12 3.60 16.47
C GLU D 151 23.60 3.81 16.39
N TRP D 152 22.87 3.24 17.32
CA TRP D 152 21.41 3.41 17.38
C TRP D 152 21.10 4.92 17.52
N ARG D 153 21.79 5.60 18.45
CA ARG D 153 21.58 7.04 18.74
C ARG D 153 22.06 7.87 17.52
N ALA D 154 23.19 7.52 16.91
CA ALA D 154 23.75 8.23 15.73
C ALA D 154 22.70 8.22 14.63
N HIS D 155 22.06 7.07 14.42
CA HIS D 155 21.03 6.89 13.37
C HIS D 155 19.80 7.73 13.73
N ALA D 156 19.24 7.56 14.93
CA ALA D 156 17.99 8.25 15.32
C ALA D 156 18.22 9.77 15.35
N SER D 157 19.45 10.24 15.52
CA SER D 157 19.72 11.70 15.57
C SER D 157 19.53 12.32 14.17
N THR D 158 19.61 11.52 13.07
CA THR D 158 19.42 12.08 11.70
C THR D 158 17.95 11.95 11.35
N TYR D 159 17.40 10.75 11.40
CA TYR D 159 16.01 10.55 10.92
C TYR D 159 15.00 11.10 11.96
N GLY D 160 15.44 11.30 13.20
CA GLY D 160 14.53 11.81 14.26
C GLY D 160 14.89 13.24 14.61
N SER D 161 16.05 13.43 15.25
CA SER D 161 16.43 14.74 15.83
C SER D 161 16.64 15.80 14.74
N THR D 162 17.45 15.56 13.74
CA THR D 162 17.73 16.55 12.68
C THR D 162 16.43 16.84 11.91
N PHE D 163 15.68 15.81 11.61
CA PHE D 163 14.37 15.96 10.93
C PHE D 163 13.49 16.94 11.72
N LEU D 164 13.10 16.62 12.94
CA LEU D 164 12.17 17.53 13.68
C LEU D 164 12.88 18.83 14.10
N GLY D 165 14.20 18.81 14.34
CA GLY D 165 14.97 20.04 14.66
C GLY D 165 14.77 21.13 13.62
N ARG D 166 14.84 20.79 12.33
CA ARG D 166 14.59 21.75 11.21
C ARG D 166 13.18 22.34 11.34
N TYR D 167 12.17 21.57 11.73
CA TYR D 167 10.76 22.07 11.80
C TYR D 167 10.60 22.96 13.03
N GLY D 168 11.30 22.66 14.12
CA GLY D 168 11.46 23.59 15.26
C GLY D 168 12.05 24.92 14.82
N ALA D 169 13.14 24.91 14.05
CA ALA D 169 13.78 26.17 13.61
C ALA D 169 12.80 26.93 12.73
N LEU D 170 12.01 26.22 11.92
CA LEU D 170 11.00 26.89 11.05
C LEU D 170 9.87 27.42 11.93
N ALA D 171 9.46 26.70 12.98
CA ALA D 171 8.39 27.20 13.88
C ALA D 171 8.83 28.55 14.43
N ALA D 172 10.04 28.63 14.96
CA ALA D 172 10.64 29.85 15.55
C ALA D 172 10.80 30.95 14.48
N ALA D 173 11.28 30.63 13.28
CA ALA D 173 11.47 31.68 12.26
C ALA D 173 10.12 32.25 11.82
N CYS D 174 9.05 31.46 11.89
CA CYS D 174 7.74 31.83 11.30
C CYS D 174 6.79 32.24 12.40
N GLY D 175 7.26 32.22 13.65
CA GLY D 175 6.40 32.21 14.84
C GLY D 175 6.28 33.58 15.50
N GLY D 176 6.69 34.64 14.80
CA GLY D 176 6.51 36.02 15.27
C GLY D 176 7.43 36.31 16.45
N GLU D 177 6.98 37.08 17.45
CA GLU D 177 7.87 37.59 18.52
C GLU D 177 7.88 36.59 19.68
N GLY D 178 8.99 36.54 20.43
CA GLY D 178 9.07 35.73 21.67
C GLY D 178 9.44 34.28 21.39
N GLN D 179 10.09 34.05 20.25
CA GLN D 179 10.50 32.70 19.84
C GLN D 179 11.96 32.55 20.23
N PRO D 180 12.28 31.68 21.19
CA PRO D 180 13.67 31.39 21.53
C PRO D 180 14.22 30.30 20.60
N ALA D 181 14.77 30.71 19.44
CA ALA D 181 15.05 29.82 18.27
C ALA D 181 15.88 28.57 18.64
N ASP D 182 16.94 28.73 19.43
CA ASP D 182 17.80 27.60 19.83
C ASP D 182 16.98 26.63 20.69
N SER D 183 16.18 27.13 21.62
CA SER D 183 15.39 26.32 22.59
C SER D 183 14.30 25.52 21.84
N VAL D 184 13.61 26.11 20.85
CA VAL D 184 12.51 25.41 20.14
C VAL D 184 13.12 24.24 19.36
N ARG D 185 14.29 24.45 18.74
CA ARG D 185 15.04 23.40 18.04
C ARG D 185 15.53 22.34 19.05
N GLU D 186 16.06 22.76 20.21
CA GLU D 186 16.57 21.82 21.24
C GLU D 186 15.43 20.95 21.75
N PHE D 187 14.28 21.54 22.05
CA PHE D 187 13.04 20.80 22.40
C PHE D 187 12.75 19.78 21.28
N ALA D 188 12.69 20.24 20.02
CA ALA D 188 12.32 19.37 18.88
C ALA D 188 13.32 18.20 18.76
N GLU D 189 14.62 18.44 18.88
CA GLU D 189 15.62 17.35 18.68
C GLU D 189 15.49 16.33 19.81
N ALA D 190 15.29 16.79 21.05
CA ALA D 190 15.16 15.87 22.20
C ALA D 190 13.86 15.04 22.10
N PHE D 191 12.73 15.69 21.86
CA PHE D 191 11.37 15.10 21.81
C PHE D 191 11.31 14.09 20.66
N ALA D 192 11.90 14.43 19.51
CA ALA D 192 11.98 13.50 18.36
C ALA D 192 12.63 12.18 18.79
N MET D 193 13.76 12.26 19.49
CA MET D 193 14.51 11.04 19.83
C MET D 193 13.68 10.22 20.82
N THR D 194 12.98 10.87 21.74
CA THR D 194 12.10 10.15 22.68
C THR D 194 11.08 9.40 21.81
N ILE D 195 10.42 10.08 20.87
CA ILE D 195 9.42 9.44 19.96
C ILE D 195 10.07 8.22 19.29
N THR D 196 11.28 8.35 18.75
CA THR D 196 11.96 7.30 17.96
C THR D 196 12.21 6.06 18.82
N MET D 197 12.48 6.27 20.10
CA MET D 197 12.72 5.17 21.06
C MET D 197 11.39 4.49 21.32
N ALA D 198 10.29 5.26 21.42
CA ALA D 198 8.93 4.73 21.62
C ALA D 198 8.55 3.87 20.40
N ASP D 199 8.86 4.39 19.21
CA ASP D 199 8.62 3.72 17.90
C ASP D 199 9.27 2.32 17.93
N ASP D 200 10.56 2.24 18.19
CA ASP D 200 11.32 0.97 18.11
C ASP D 200 10.77 -0.01 19.16
N LEU D 201 10.35 0.46 20.34
CA LEU D 201 9.87 -0.45 21.41
C LEU D 201 8.48 -0.98 21.02
N THR D 202 7.66 -0.17 20.34
CA THR D 202 6.31 -0.56 19.87
C THR D 202 6.46 -1.56 18.71
N ASP D 203 7.34 -1.29 17.75
CA ASP D 203 7.38 -1.95 16.42
C ASP D 203 8.02 -3.32 16.57
N TYR D 204 8.78 -3.58 17.64
CA TYR D 204 9.28 -4.94 17.97
C TYR D 204 8.09 -5.93 18.00
N ASP D 205 6.95 -5.51 18.57
CA ASP D 205 5.72 -6.32 18.77
C ASP D 205 4.73 -6.06 17.63
N ARG D 206 4.47 -4.81 17.25
CA ARG D 206 3.39 -4.50 16.28
C ARG D 206 3.77 -5.00 14.88
N ASN D 207 5.07 -5.04 14.57
CA ASN D 207 5.63 -5.27 13.21
C ASN D 207 6.62 -6.43 13.18
N GLY D 208 7.08 -6.92 14.33
CA GLY D 208 8.12 -7.96 14.38
C GLY D 208 9.48 -7.46 13.87
N GLU D 209 9.83 -6.19 14.09
CA GLU D 209 11.13 -5.64 13.64
C GLU D 209 12.23 -6.22 14.56
N ARG D 210 13.41 -6.59 14.02
CA ARG D 210 14.58 -7.13 14.79
C ARG D 210 15.90 -6.41 14.43
N ASP D 211 16.47 -6.60 13.23
CA ASP D 211 17.76 -5.96 12.79
C ASP D 211 17.79 -4.47 13.15
N GLY D 212 18.67 -4.07 14.07
CA GLY D 212 18.87 -2.66 14.50
C GLY D 212 17.80 -2.12 15.43
N ASN D 213 16.73 -2.87 15.69
CA ASN D 213 15.62 -2.38 16.55
C ASN D 213 16.09 -2.43 18.02
N LEU D 214 15.79 -1.37 18.77
CA LEU D 214 16.41 -1.06 20.09
C LEU D 214 16.03 -2.16 21.10
N ALA D 215 14.76 -2.58 21.14
CA ALA D 215 14.26 -3.72 21.96
C ALA D 215 15.03 -5.00 21.60
N HIS D 216 15.30 -5.24 20.30
CA HIS D 216 16.11 -6.41 19.87
C HIS D 216 17.53 -6.29 20.42
N LEU D 217 18.18 -5.13 20.29
CA LEU D 217 19.58 -4.96 20.76
C LEU D 217 19.63 -5.16 22.29
N MET D 218 18.52 -4.98 22.99
CA MET D 218 18.47 -5.15 24.47
C MET D 218 18.32 -6.63 24.77
N ARG D 219 17.31 -7.28 24.18
CA ARG D 219 17.00 -8.73 24.35
C ARG D 219 18.20 -9.58 23.91
N THR D 220 19.07 -8.99 23.09
CA THR D 220 20.25 -9.64 22.49
C THR D 220 21.44 -9.40 23.41
N GLY D 221 21.34 -8.38 24.27
CA GLY D 221 22.44 -7.92 25.14
C GLY D 221 23.46 -7.03 24.45
N ALA D 222 23.22 -6.51 23.24
CA ALA D 222 24.14 -5.56 22.53
C ALA D 222 24.04 -4.16 23.19
N VAL D 223 22.91 -3.87 23.80
CA VAL D 223 22.58 -2.57 24.46
C VAL D 223 22.11 -2.89 25.88
N ALA D 224 22.74 -2.27 26.88
CA ALA D 224 22.36 -2.38 28.31
C ALA D 224 21.06 -1.60 28.56
N GLY D 225 20.10 -2.23 29.23
CA GLY D 225 18.84 -1.62 29.69
C GLY D 225 19.05 -0.29 30.40
N GLN D 226 20.04 -0.20 31.29
CA GLN D 226 20.22 1.02 32.15
C GLN D 226 20.58 2.18 31.22
N ASP D 227 21.48 1.93 30.26
CA ASP D 227 21.94 2.90 29.24
C ASP D 227 20.73 3.54 28.53
N VAL D 228 19.61 2.83 28.44
CA VAL D 228 18.42 3.28 27.68
C VAL D 228 17.54 4.13 28.61
N VAL D 229 17.36 3.70 29.86
CA VAL D 229 16.75 4.51 30.95
C VAL D 229 17.50 5.85 31.04
N ASP D 230 18.84 5.82 31.10
CA ASP D 230 19.68 7.04 31.22
C ASP D 230 19.41 7.95 30.02
N LEU D 231 19.43 7.40 28.79
CA LEU D 231 19.15 8.16 27.54
C LEU D 231 17.75 8.76 27.60
N LEU D 232 16.73 8.02 28.03
CA LEU D 232 15.35 8.55 28.11
C LEU D 232 15.31 9.74 29.10
N GLU D 233 16.01 9.61 30.23
CA GLU D 233 16.01 10.65 31.30
C GLU D 233 16.82 11.83 30.79
N GLU D 234 17.91 11.58 30.06
CA GLU D 234 18.73 12.68 29.46
C GLU D 234 17.83 13.49 28.52
N LEU D 235 16.97 12.81 27.72
CA LEU D 235 16.15 13.45 26.67
C LEU D 235 14.99 14.20 27.32
N ARG D 236 14.42 13.64 28.38
CA ARG D 236 13.44 14.34 29.26
C ARG D 236 14.06 15.68 29.73
N GLY D 237 15.27 15.65 30.28
CA GLY D 237 15.94 16.87 30.81
C GLY D 237 16.24 17.88 29.72
N ARG D 238 16.76 17.43 28.56
CA ARG D 238 17.03 18.35 27.41
C ARG D 238 15.72 19.05 27.04
N ALA D 239 14.62 18.30 26.93
CA ALA D 239 13.29 18.84 26.58
C ALA D 239 12.84 19.85 27.63
N LEU D 240 12.91 19.51 28.92
CA LEU D 240 12.41 20.36 30.03
C LEU D 240 13.26 21.63 30.11
N ALA D 241 14.59 21.51 29.99
CA ALA D 241 15.48 22.71 29.97
C ALA D 241 15.13 23.62 28.80
N ALA D 242 14.88 23.05 27.62
CA ALA D 242 14.56 23.84 26.40
C ALA D 242 13.26 24.65 26.61
N VAL D 243 12.26 24.09 27.29
CA VAL D 243 10.93 24.79 27.41
C VAL D 243 10.90 25.67 28.66
N ALA D 244 11.91 25.57 29.53
CA ALA D 244 12.08 26.47 30.69
C ALA D 244 12.76 27.78 30.25
N ALA D 245 13.47 27.76 29.11
CA ALA D 245 14.31 28.88 28.66
C ALA D 245 13.37 30.04 28.36
N PRO D 246 13.70 31.30 28.72
CA PRO D 246 12.78 32.41 28.49
C PRO D 246 12.50 32.55 27.01
N PRO D 247 11.27 32.93 26.59
CA PRO D 247 10.18 33.25 27.54
C PRO D 247 9.30 32.09 28.02
N GLY D 248 9.65 30.86 27.61
CA GLY D 248 9.11 29.63 28.20
C GLY D 248 7.90 29.15 27.43
N ALA D 249 7.77 27.83 27.34
CA ALA D 249 6.56 27.14 26.86
C ALA D 249 6.16 26.20 27.99
N PRO D 250 5.66 26.72 29.13
CA PRO D 250 5.30 25.86 30.25
C PRO D 250 4.22 24.80 29.88
N GLY D 251 3.45 25.05 28.82
CA GLY D 251 2.44 24.08 28.37
C GLY D 251 3.05 22.77 27.89
N LEU D 252 4.31 22.78 27.47
CA LEU D 252 4.96 21.56 26.97
C LEU D 252 5.48 20.67 28.11
N VAL D 253 5.52 21.17 29.33
CA VAL D 253 6.06 20.35 30.45
C VAL D 253 5.29 19.04 30.58
N PRO D 254 3.95 19.04 30.72
CA PRO D 254 3.19 17.80 30.80
C PRO D 254 3.37 16.91 29.55
N VAL D 255 3.45 17.52 28.37
CA VAL D 255 3.66 16.76 27.12
C VAL D 255 4.97 15.99 27.24
N VAL D 256 6.02 16.66 27.67
CA VAL D 256 7.36 15.99 27.80
C VAL D 256 7.28 14.85 28.79
N HIS D 257 6.65 15.07 29.94
CA HIS D 257 6.55 14.01 30.97
C HIS D 257 5.72 12.84 30.43
N LEU D 258 4.63 13.13 29.75
CA LEU D 258 3.74 12.07 29.19
C LEU D 258 4.53 11.15 28.25
N TYR D 259 5.12 11.69 27.20
CA TYR D 259 5.87 10.88 26.22
C TYR D 259 7.00 10.11 26.87
N THR D 260 7.71 10.70 27.82
CA THR D 260 8.83 9.97 28.45
C THR D 260 8.29 8.88 29.38
N ASP D 261 7.32 9.20 30.22
CA ASP D 261 6.77 8.22 31.19
C ASP D 261 6.15 7.03 30.43
N ASP D 262 5.40 7.31 29.38
CA ASP D 262 4.83 6.26 28.48
C ASP D 262 5.92 5.24 28.12
N VAL D 263 7.05 5.67 27.55
CA VAL D 263 8.16 4.74 27.21
C VAL D 263 8.60 4.00 28.48
N LEU D 264 8.77 4.73 29.58
CA LEU D 264 9.42 4.21 30.81
C LEU D 264 8.53 3.17 31.52
N VAL D 265 7.22 3.37 31.52
CA VAL D 265 6.32 2.46 32.27
C VAL D 265 5.53 1.53 31.33
N ARG D 266 5.10 1.99 30.18
CA ARG D 266 4.29 1.07 29.33
C ARG D 266 5.14 0.27 28.35
N LEU D 267 6.04 0.90 27.62
CA LEU D 267 6.78 0.20 26.55
C LEU D 267 8.07 -0.48 27.02
N LEU D 268 8.84 0.14 27.90
CA LEU D 268 10.19 -0.40 28.20
C LEU D 268 10.21 -1.59 29.17
N PRO D 269 9.31 -1.72 30.15
CA PRO D 269 9.44 -2.82 31.11
C PRO D 269 9.42 -4.21 30.47
N ARG D 270 8.60 -4.41 29.44
CA ARG D 270 8.52 -5.73 28.77
C ARG D 270 9.81 -6.12 28.04
N HIS D 271 10.69 -5.18 27.67
CA HIS D 271 11.97 -5.56 27.04
C HIS D 271 13.08 -5.49 28.08
N LEU D 272 12.74 -5.10 29.31
CA LEU D 272 13.73 -5.01 30.41
C LEU D 272 13.93 -6.37 31.05
N LYS D 300 21.16 -21.39 34.46
CA LYS D 300 21.33 -21.99 35.82
C LYS D 300 19.97 -21.98 36.53
N LYS D 301 19.91 -22.44 37.78
CA LYS D 301 18.66 -22.50 38.61
C LYS D 301 18.68 -21.29 39.57
N VAL D 302 17.53 -20.64 39.79
CA VAL D 302 17.36 -19.45 40.70
C VAL D 302 15.99 -19.54 41.37
N TRP D 303 15.93 -19.48 42.71
CA TRP D 303 14.65 -19.53 43.47
C TRP D 303 14.74 -18.68 44.75
N ARG D 304 13.58 -18.38 45.33
CA ARG D 304 13.41 -17.45 46.49
C ARG D 304 13.05 -18.30 47.73
N VAL D 305 13.75 -18.02 48.83
CA VAL D 305 13.31 -18.38 50.21
C VAL D 305 13.26 -17.09 51.05
N GLY D 306 12.03 -16.58 51.26
CA GLY D 306 11.74 -15.31 51.94
C GLY D 306 12.41 -14.18 51.18
N LYS D 307 13.44 -13.54 51.77
CA LYS D 307 14.18 -12.41 51.15
C LYS D 307 15.59 -12.87 50.77
N MET D 308 15.83 -14.19 50.69
CA MET D 308 17.10 -14.76 50.17
C MET D 308 16.88 -15.30 48.74
N ILE D 309 17.90 -15.22 47.89
CA ILE D 309 17.92 -15.72 46.49
C ILE D 309 19.01 -16.82 46.42
N SER D 310 18.58 -18.09 46.35
CA SER D 310 19.48 -19.28 46.26
C SER D 310 19.66 -19.64 44.77
N PHE D 311 20.86 -20.03 44.35
CA PHE D 311 21.20 -20.19 42.90
C PHE D 311 22.32 -21.23 42.72
N THR D 312 22.52 -21.67 41.47
CA THR D 312 23.55 -22.70 41.07
C THR D 312 24.39 -22.18 39.88
N TYR D 313 25.58 -22.78 39.69
CA TYR D 313 26.78 -22.22 39.02
C TYR D 313 26.99 -20.76 39.46
N ARG D 322 24.95 -23.30 44.67
CA ARG D 322 26.38 -23.00 44.96
C ARG D 322 26.52 -21.56 45.49
N GLY D 323 25.41 -20.89 45.80
CA GLY D 323 25.39 -19.54 46.43
C GLY D 323 24.01 -19.08 46.84
N ALA D 324 23.94 -18.05 47.68
CA ALA D 324 22.70 -17.33 48.08
C ALA D 324 23.07 -15.93 48.58
N VAL D 325 22.32 -14.91 48.16
CA VAL D 325 22.50 -13.48 48.59
C VAL D 325 21.12 -12.88 48.86
N SER D 326 21.03 -11.85 49.72
CA SER D 326 19.80 -11.06 49.94
C SER D 326 19.27 -10.55 48.59
N GLU D 327 17.94 -10.35 48.46
CA GLU D 327 17.30 -9.59 47.36
C GLU D 327 17.88 -8.17 47.31
N LYS D 328 18.28 -7.63 48.47
CA LYS D 328 18.96 -6.30 48.64
C LYS D 328 20.30 -6.28 47.88
N ASP D 329 21.09 -7.37 47.93
CA ASP D 329 22.47 -7.44 47.33
C ASP D 329 22.42 -8.09 45.94
N ALA D 330 21.22 -8.32 45.40
CA ALA D 330 20.96 -9.09 44.17
C ALA D 330 20.84 -8.14 42.97
N PRO D 331 21.68 -8.29 41.92
CA PRO D 331 21.50 -7.52 40.69
C PRO D 331 20.11 -7.73 40.06
N LYS D 332 19.60 -6.73 39.33
CA LYS D 332 18.36 -6.84 38.50
C LYS D 332 18.43 -8.11 37.63
N GLU D 333 19.62 -8.38 37.07
CA GLU D 333 19.92 -9.54 36.17
C GLU D 333 19.45 -10.86 36.82
N LEU D 334 19.93 -11.18 38.02
CA LEU D 334 19.60 -12.42 38.78
C LEU D 334 18.08 -12.53 39.01
N LEU D 335 17.43 -11.43 39.41
CA LEU D 335 16.01 -11.36 39.85
C LEU D 335 15.05 -11.63 38.66
N GLN D 336 15.60 -11.94 37.47
CA GLN D 336 14.90 -12.45 36.26
C GLN D 336 14.16 -11.29 35.57
#